data_1EMQ
# 
_entry.id   1EMQ 
# 
_audit_conform.dict_name       mmcif_pdbx.dic 
_audit_conform.dict_version    5.392 
_audit_conform.dict_location   http://mmcif.pdb.org/dictionaries/ascii/mmcif_pdbx.dic 
# 
loop_
_database_2.database_id 
_database_2.database_code 
_database_2.pdbx_database_accession 
_database_2.pdbx_DOI 
PDB   1EMQ         pdb_00001emq 10.2210/pdb1emq/pdb 
RCSB  RCSB010727   ?            ?                   
WWPDB D_1000010727 ?            ?                   
# 
loop_
_pdbx_audit_revision_history.ordinal 
_pdbx_audit_revision_history.data_content_type 
_pdbx_audit_revision_history.major_revision 
_pdbx_audit_revision_history.minor_revision 
_pdbx_audit_revision_history.revision_date 
1 'Structure model' 1 0 2000-04-04 
2 'Structure model' 1 1 2008-04-27 
3 'Structure model' 1 2 2011-07-13 
4 'Structure model' 1 3 2022-02-16 
5 'Structure model' 1 4 2024-05-22 
# 
_pdbx_audit_revision_details.ordinal             1 
_pdbx_audit_revision_details.revision_ordinal    1 
_pdbx_audit_revision_details.data_content_type   'Structure model' 
_pdbx_audit_revision_details.provider            repository 
_pdbx_audit_revision_details.type                'Initial release' 
_pdbx_audit_revision_details.description         ? 
_pdbx_audit_revision_details.details             ? 
# 
loop_
_pdbx_audit_revision_group.ordinal 
_pdbx_audit_revision_group.revision_ordinal 
_pdbx_audit_revision_group.data_content_type 
_pdbx_audit_revision_group.group 
1 2 'Structure model' 'Version format compliance' 
2 3 'Structure model' 'Version format compliance' 
3 4 'Structure model' 'Data collection'           
4 4 'Structure model' 'Database references'       
5 4 'Structure model' 'Derived calculations'      
6 5 'Structure model' 'Data collection'           
# 
loop_
_pdbx_audit_revision_category.ordinal 
_pdbx_audit_revision_category.revision_ordinal 
_pdbx_audit_revision_category.data_content_type 
_pdbx_audit_revision_category.category 
1 4 'Structure model' database_2            
2 4 'Structure model' pdbx_nmr_software     
3 4 'Structure model' pdbx_struct_assembly  
4 4 'Structure model' pdbx_struct_oper_list 
5 5 'Structure model' chem_comp_atom        
6 5 'Structure model' chem_comp_bond        
# 
loop_
_pdbx_audit_revision_item.ordinal 
_pdbx_audit_revision_item.revision_ordinal 
_pdbx_audit_revision_item.data_content_type 
_pdbx_audit_revision_item.item 
1 4 'Structure model' '_database_2.pdbx_DOI'                
2 4 'Structure model' '_database_2.pdbx_database_accession' 
3 4 'Structure model' '_pdbx_nmr_software.name'             
# 
_pdbx_database_status.status_code                     REL 
_pdbx_database_status.entry_id                        1EMQ 
_pdbx_database_status.recvd_initial_deposition_date   2000-03-17 
_pdbx_database_status.deposit_site                    RCSB 
_pdbx_database_status.process_site                    RCSB 
_pdbx_database_status.SG_entry                        . 
_pdbx_database_status.pdb_format_compatible           Y 
_pdbx_database_status.status_code_mr                  ? 
_pdbx_database_status.status_code_sf                  ? 
_pdbx_database_status.status_code_cs                  ? 
_pdbx_database_status.status_code_nmr_data            ? 
_pdbx_database_status.methods_development_category    ? 
# 
loop_
_audit_author.name 
_audit_author.pdbx_ordinal 
'Hosur, R.V.' 1 
'Patel, P.K.' 2 
# 
_citation.id                        primary 
_citation.title                     
'NMR observation of T-tetrads in a parallel stranded DNA quadruplex formed by Saccharomyces cerevisiae telomere repeats.' 
_citation.journal_abbrev            'Nucleic Acids Res.' 
_citation.journal_volume            27 
_citation.page_first                2457 
_citation.page_last                 2464 
_citation.year                      1999 
_citation.journal_id_ASTM           NARHAD 
_citation.country                   UK 
_citation.journal_id_ISSN           0305-1048 
_citation.journal_id_CSD            0389 
_citation.book_publisher            ? 
_citation.pdbx_database_id_PubMed   10352174 
_citation.pdbx_database_id_DOI      10.1093/nar/27.12.2457 
# 
loop_
_citation_author.citation_id 
_citation_author.name 
_citation_author.ordinal 
_citation_author.identifier_ORCID 
primary 'Patel, P.K.' 1 ? 
primary 'Hosur, R.V.' 2 ? 
# 
_entity.id                         1 
_entity.type                       polymer 
_entity.src_method                 syn 
_entity.pdbx_description           
;DNA (5'-D(*TP*GP*GP*TP*GP*GP*C)-3')
;
_entity.formula_weight             2169.433 
_entity.pdbx_number_of_molecules   4 
_entity.pdbx_ec                    ? 
_entity.pdbx_mutation              ? 
_entity.pdbx_fragment              'YEAST TELOMERE REPEATS' 
_entity.details                    
;ONLY TWO REPEATS AND ONE C AT 3' END
;
# 
_entity_poly.entity_id                      1 
_entity_poly.type                           polydeoxyribonucleotide 
_entity_poly.nstd_linkage                   no 
_entity_poly.nstd_monomer                   no 
_entity_poly.pdbx_seq_one_letter_code       '(DT)(DG)(DG)(DT)(DG)(DG)(DC)' 
_entity_poly.pdbx_seq_one_letter_code_can   TGGTGGC 
_entity_poly.pdbx_strand_id                 A,B,C,D 
_entity_poly.pdbx_target_identifier         ? 
# 
loop_
_entity_poly_seq.entity_id 
_entity_poly_seq.num 
_entity_poly_seq.mon_id 
_entity_poly_seq.hetero 
1 1 DT n 
1 2 DG n 
1 3 DG n 
1 4 DT n 
1 5 DG n 
1 6 DG n 
1 7 DC n 
# 
_pdbx_entity_src_syn.entity_id              1 
_pdbx_entity_src_syn.pdbx_src_id            1 
_pdbx_entity_src_syn.pdbx_alt_source_flag   sample 
_pdbx_entity_src_syn.pdbx_beg_seq_num       ? 
_pdbx_entity_src_syn.pdbx_end_seq_num       ? 
_pdbx_entity_src_syn.organism_scientific    ? 
_pdbx_entity_src_syn.organism_common_name   ? 
_pdbx_entity_src_syn.ncbi_taxonomy_id       ? 
_pdbx_entity_src_syn.details                'This sequence is two repeats of Saccharomyces cerevisiae telomere sequence' 
# 
loop_
_chem_comp.id 
_chem_comp.type 
_chem_comp.mon_nstd_flag 
_chem_comp.name 
_chem_comp.pdbx_synonyms 
_chem_comp.formula 
_chem_comp.formula_weight 
DC 'DNA linking' y "2'-DEOXYCYTIDINE-5'-MONOPHOSPHATE"  ? 'C9 H14 N3 O7 P'  307.197 
DG 'DNA linking' y "2'-DEOXYGUANOSINE-5'-MONOPHOSPHATE" ? 'C10 H14 N5 O7 P' 347.221 
DT 'DNA linking' y "THYMIDINE-5'-MONOPHOSPHATE"         ? 'C10 H15 N2 O8 P' 322.208 
# 
loop_
_pdbx_poly_seq_scheme.asym_id 
_pdbx_poly_seq_scheme.entity_id 
_pdbx_poly_seq_scheme.seq_id 
_pdbx_poly_seq_scheme.mon_id 
_pdbx_poly_seq_scheme.ndb_seq_num 
_pdbx_poly_seq_scheme.pdb_seq_num 
_pdbx_poly_seq_scheme.auth_seq_num 
_pdbx_poly_seq_scheme.pdb_mon_id 
_pdbx_poly_seq_scheme.auth_mon_id 
_pdbx_poly_seq_scheme.pdb_strand_id 
_pdbx_poly_seq_scheme.pdb_ins_code 
_pdbx_poly_seq_scheme.hetero 
A 1 1 DT 1 101 101 DT T A . n 
A 1 2 DG 2 102 102 DG G A . n 
A 1 3 DG 3 103 103 DG G A . n 
A 1 4 DT 4 104 104 DT T A . n 
A 1 5 DG 5 105 105 DG G A . n 
A 1 6 DG 6 106 106 DG G A . n 
A 1 7 DC 7 107 107 DC C A . n 
B 1 1 DT 1 201 201 DT T B . n 
B 1 2 DG 2 202 202 DG G B . n 
B 1 3 DG 3 203 203 DG G B . n 
B 1 4 DT 4 204 204 DT T B . n 
B 1 5 DG 5 205 205 DG G B . n 
B 1 6 DG 6 206 206 DG G B . n 
B 1 7 DC 7 207 207 DC C B . n 
C 1 1 DT 1 401 401 DT T C . n 
C 1 2 DG 2 402 402 DG G C . n 
C 1 3 DG 3 403 403 DG G C . n 
C 1 4 DT 4 404 404 DT T C . n 
C 1 5 DG 5 405 405 DG G C . n 
C 1 6 DG 6 406 406 DG G C . n 
C 1 7 DC 7 407 407 DC C C . n 
D 1 1 DT 1 301 301 DT T D . n 
D 1 2 DG 2 302 302 DG G D . n 
D 1 3 DG 3 303 303 DG G D . n 
D 1 4 DT 4 304 304 DT T D . n 
D 1 5 DG 5 305 305 DG G D . n 
D 1 6 DG 6 306 306 DG G D . n 
D 1 7 DC 7 307 307 DC C D . n 
# 
_cell.entry_id           1EMQ 
_cell.length_a           1.000 
_cell.length_b           1.000 
_cell.length_c           1.000 
_cell.angle_alpha        90.00 
_cell.angle_beta         90.00 
_cell.angle_gamma        90.00 
_cell.Z_PDB              1 
_cell.pdbx_unique_axis   ? 
# 
_symmetry.entry_id                         1EMQ 
_symmetry.space_group_name_H-M             'P 1' 
_symmetry.pdbx_full_space_group_name_H-M   ? 
_symmetry.cell_setting                     ? 
_symmetry.Int_Tables_number                1 
# 
_exptl.entry_id          1EMQ 
_exptl.method            'SOLUTION NMR' 
_exptl.crystals_number   ? 
# 
_struct.entry_id                  1EMQ 
_struct.title                     
'NMR OBSERVATION OF T-TETRADS IN A PARALLEL STRANDED DNA QUADRUPLEX FORMED BY SACCHAROMYCES CEREVISIAE TELOMERE REPEATS' 
_struct.pdbx_model_details        ? 
_struct.pdbx_CASP_flag            ? 
_struct.pdbx_model_type_details   'minimized average' 
# 
_struct_keywords.entry_id        1EMQ 
_struct_keywords.pdbx_keywords   DNA 
_struct_keywords.text            'T-tetrad, G-quadruplex, Telomere, Yeast, Saccharomyces cerevisiae, DNA' 
# 
loop_
_struct_asym.id 
_struct_asym.pdbx_blank_PDB_chainid_flag 
_struct_asym.pdbx_modified 
_struct_asym.entity_id 
_struct_asym.details 
A N N 1 ? 
B N N 1 ? 
C N N 1 ? 
D N N 1 ? 
# 
_struct_ref.id                         1 
_struct_ref.entity_id                  1 
_struct_ref.db_name                    PDB 
_struct_ref.db_code                    1EMQ 
_struct_ref.pdbx_db_accession          1EMQ 
_struct_ref.pdbx_db_isoform            ? 
_struct_ref.pdbx_seq_one_letter_code   ? 
_struct_ref.pdbx_align_begin           ? 
# 
loop_
_struct_ref_seq.align_id 
_struct_ref_seq.ref_id 
_struct_ref_seq.pdbx_PDB_id_code 
_struct_ref_seq.pdbx_strand_id 
_struct_ref_seq.seq_align_beg 
_struct_ref_seq.pdbx_seq_align_beg_ins_code 
_struct_ref_seq.seq_align_end 
_struct_ref_seq.pdbx_seq_align_end_ins_code 
_struct_ref_seq.pdbx_db_accession 
_struct_ref_seq.db_align_beg 
_struct_ref_seq.pdbx_db_align_beg_ins_code 
_struct_ref_seq.db_align_end 
_struct_ref_seq.pdbx_db_align_end_ins_code 
_struct_ref_seq.pdbx_auth_seq_align_beg 
_struct_ref_seq.pdbx_auth_seq_align_end 
1 1 1EMQ A 1 ? 7 ? 1EMQ 101 ? 107 ? 101 107 
2 1 1EMQ B 1 ? 7 ? 1EMQ 201 ? 207 ? 201 207 
3 1 1EMQ C 1 ? 7 ? 1EMQ 401 ? 407 ? 401 407 
4 1 1EMQ D 1 ? 7 ? 1EMQ 301 ? 307 ? 301 307 
# 
_pdbx_struct_assembly.id                   1 
_pdbx_struct_assembly.details              author_defined_assembly 
_pdbx_struct_assembly.method_details       ? 
_pdbx_struct_assembly.oligomeric_details   tetrameric 
_pdbx_struct_assembly.oligomeric_count     4 
# 
_pdbx_struct_assembly_gen.assembly_id       1 
_pdbx_struct_assembly_gen.oper_expression   1 
_pdbx_struct_assembly_gen.asym_id_list      A,B,C,D 
# 
_pdbx_struct_oper_list.id                   1 
_pdbx_struct_oper_list.type                 'identity operation' 
_pdbx_struct_oper_list.name                 1_555 
_pdbx_struct_oper_list.symmetry_operation   x,y,z 
_pdbx_struct_oper_list.matrix[1][1]         1.0000000000 
_pdbx_struct_oper_list.matrix[1][2]         0.0000000000 
_pdbx_struct_oper_list.matrix[1][3]         0.0000000000 
_pdbx_struct_oper_list.vector[1]            0.0000000000 
_pdbx_struct_oper_list.matrix[2][1]         0.0000000000 
_pdbx_struct_oper_list.matrix[2][2]         1.0000000000 
_pdbx_struct_oper_list.matrix[2][3]         0.0000000000 
_pdbx_struct_oper_list.vector[2]            0.0000000000 
_pdbx_struct_oper_list.matrix[3][1]         0.0000000000 
_pdbx_struct_oper_list.matrix[3][2]         0.0000000000 
_pdbx_struct_oper_list.matrix[3][3]         1.0000000000 
_pdbx_struct_oper_list.vector[3]            0.0000000000 
# 
_struct_biol.id   1 
# 
loop_
_struct_conn.id 
_struct_conn.conn_type_id 
_struct_conn.pdbx_leaving_atom_flag 
_struct_conn.pdbx_PDB_id 
_struct_conn.ptnr1_label_asym_id 
_struct_conn.ptnr1_label_comp_id 
_struct_conn.ptnr1_label_seq_id 
_struct_conn.ptnr1_label_atom_id 
_struct_conn.pdbx_ptnr1_label_alt_id 
_struct_conn.pdbx_ptnr1_PDB_ins_code 
_struct_conn.pdbx_ptnr1_standard_comp_id 
_struct_conn.ptnr1_symmetry 
_struct_conn.ptnr2_label_asym_id 
_struct_conn.ptnr2_label_comp_id 
_struct_conn.ptnr2_label_seq_id 
_struct_conn.ptnr2_label_atom_id 
_struct_conn.pdbx_ptnr2_label_alt_id 
_struct_conn.pdbx_ptnr2_PDB_ins_code 
_struct_conn.ptnr1_auth_asym_id 
_struct_conn.ptnr1_auth_comp_id 
_struct_conn.ptnr1_auth_seq_id 
_struct_conn.ptnr2_auth_asym_id 
_struct_conn.ptnr2_auth_comp_id 
_struct_conn.ptnr2_auth_seq_id 
_struct_conn.ptnr2_symmetry 
_struct_conn.pdbx_ptnr3_label_atom_id 
_struct_conn.pdbx_ptnr3_label_seq_id 
_struct_conn.pdbx_ptnr3_label_comp_id 
_struct_conn.pdbx_ptnr3_label_asym_id 
_struct_conn.pdbx_ptnr3_label_alt_id 
_struct_conn.pdbx_ptnr3_PDB_ins_code 
_struct_conn.details 
_struct_conn.pdbx_dist_value 
_struct_conn.pdbx_value_order 
_struct_conn.pdbx_role 
hydrog1  hydrog ? ? A DT 1 O4 ? ? ? 1_555 B DT 1 N3 ? ? A DT 101 B DT 201 1_555 ? ? ? ? ? ? 'DT-DT MISPAIR' ? ? ? 
hydrog2  hydrog ? ? A DT 1 N3 ? ? ? 1_555 C DT 1 O4 ? ? A DT 101 C DT 401 1_555 ? ? ? ? ? ? 'DT-DT MISPAIR' ? ? ? 
hydrog3  hydrog ? ? A DG 2 N7 ? ? ? 1_555 B DG 2 N2 ? ? A DG 102 B DG 202 1_555 ? ? ? ? ? ? TYPE_6_PAIR     ? ? ? 
hydrog4  hydrog ? ? A DG 2 O6 ? ? ? 1_555 B DG 2 N1 ? ? A DG 102 B DG 202 1_555 ? ? ? ? ? ? TYPE_6_PAIR     ? ? ? 
hydrog5  hydrog ? ? A DG 2 N1 ? ? ? 1_555 C DG 2 O6 ? ? A DG 102 C DG 402 1_555 ? ? ? ? ? ? TYPE_6_PAIR     ? ? ? 
hydrog6  hydrog ? ? A DG 2 N2 ? ? ? 1_555 C DG 2 N7 ? ? A DG 102 C DG 402 1_555 ? ? ? ? ? ? TYPE_6_PAIR     ? ? ? 
hydrog7  hydrog ? ? A DG 3 N7 ? ? ? 1_555 B DG 3 N2 ? ? A DG 103 B DG 203 1_555 ? ? ? ? ? ? TYPE_6_PAIR     ? ? ? 
hydrog8  hydrog ? ? A DG 3 O6 ? ? ? 1_555 B DG 3 N1 ? ? A DG 103 B DG 203 1_555 ? ? ? ? ? ? TYPE_6_PAIR     ? ? ? 
hydrog9  hydrog ? ? A DG 3 N1 ? ? ? 1_555 C DG 3 O6 ? ? A DG 103 C DG 403 1_555 ? ? ? ? ? ? TYPE_6_PAIR     ? ? ? 
hydrog10 hydrog ? ? A DG 3 N2 ? ? ? 1_555 C DG 3 N7 ? ? A DG 103 C DG 403 1_555 ? ? ? ? ? ? TYPE_6_PAIR     ? ? ? 
hydrog11 hydrog ? ? A DT 4 O4 ? ? ? 1_555 B DT 4 N3 ? ? A DT 104 B DT 204 1_555 ? ? ? ? ? ? 'DT-DT MISPAIR' ? ? ? 
hydrog12 hydrog ? ? A DT 4 N3 ? ? ? 1_555 C DT 4 O4 ? ? A DT 104 C DT 404 1_555 ? ? ? ? ? ? 'DT-DT MISPAIR' ? ? ? 
hydrog13 hydrog ? ? A DG 5 N7 ? ? ? 1_555 B DG 5 N2 ? ? A DG 105 B DG 205 1_555 ? ? ? ? ? ? TYPE_6_PAIR     ? ? ? 
hydrog14 hydrog ? ? A DG 5 O6 ? ? ? 1_555 B DG 5 N1 ? ? A DG 105 B DG 205 1_555 ? ? ? ? ? ? TYPE_6_PAIR     ? ? ? 
hydrog15 hydrog ? ? A DG 5 N1 ? ? ? 1_555 C DG 5 O6 ? ? A DG 105 C DG 405 1_555 ? ? ? ? ? ? TYPE_6_PAIR     ? ? ? 
hydrog16 hydrog ? ? A DG 5 N2 ? ? ? 1_555 C DG 5 N7 ? ? A DG 105 C DG 405 1_555 ? ? ? ? ? ? TYPE_6_PAIR     ? ? ? 
hydrog17 hydrog ? ? A DG 6 N7 ? ? ? 1_555 B DG 6 N2 ? ? A DG 106 B DG 206 1_555 ? ? ? ? ? ? TYPE_6_PAIR     ? ? ? 
hydrog18 hydrog ? ? A DG 6 O6 ? ? ? 1_555 B DG 6 N1 ? ? A DG 106 B DG 206 1_555 ? ? ? ? ? ? TYPE_6_PAIR     ? ? ? 
hydrog19 hydrog ? ? A DG 6 N1 ? ? ? 1_555 C DG 6 O6 ? ? A DG 106 C DG 406 1_555 ? ? ? ? ? ? TYPE_6_PAIR     ? ? ? 
hydrog20 hydrog ? ? A DG 6 N2 ? ? ? 1_555 C DG 6 N7 ? ? A DG 106 C DG 406 1_555 ? ? ? ? ? ? TYPE_6_PAIR     ? ? ? 
hydrog21 hydrog ? ? A DC 7 N4 ? ? ? 1_555 B DC 7 N3 ? ? A DC 107 B DC 207 1_555 ? ? ? ? ? ? 'DC-DC MISPAIR' ? ? ? 
hydrog22 hydrog ? ? A DC 7 N3 ? ? ? 1_555 C DC 7 N4 ? ? A DC 107 C DC 407 1_555 ? ? ? ? ? ? 'DC-DC MISPAIR' ? ? ? 
hydrog23 hydrog ? ? B DT 1 O4 ? ? ? 1_555 D DT 1 N3 ? ? B DT 201 D DT 301 1_555 ? ? ? ? ? ? 'DT-DT MISPAIR' ? ? ? 
hydrog24 hydrog ? ? B DG 2 N7 ? ? ? 1_555 D DG 2 N2 ? ? B DG 202 D DG 302 1_555 ? ? ? ? ? ? TYPE_6_PAIR     ? ? ? 
hydrog25 hydrog ? ? B DG 2 O6 ? ? ? 1_555 D DG 2 N1 ? ? B DG 202 D DG 302 1_555 ? ? ? ? ? ? TYPE_6_PAIR     ? ? ? 
hydrog26 hydrog ? ? B DG 3 N7 ? ? ? 1_555 D DG 3 N2 ? ? B DG 203 D DG 303 1_555 ? ? ? ? ? ? TYPE_6_PAIR     ? ? ? 
hydrog27 hydrog ? ? B DG 3 O6 ? ? ? 1_555 D DG 3 N1 ? ? B DG 203 D DG 303 1_555 ? ? ? ? ? ? TYPE_6_PAIR     ? ? ? 
hydrog28 hydrog ? ? B DT 4 O4 ? ? ? 1_555 D DT 4 N3 ? ? B DT 204 D DT 304 1_555 ? ? ? ? ? ? 'DT-DT MISPAIR' ? ? ? 
hydrog29 hydrog ? ? B DG 5 N7 ? ? ? 1_555 D DG 5 N2 ? ? B DG 205 D DG 305 1_555 ? ? ? ? ? ? TYPE_6_PAIR     ? ? ? 
hydrog30 hydrog ? ? B DG 5 O6 ? ? ? 1_555 D DG 5 N1 ? ? B DG 205 D DG 305 1_555 ? ? ? ? ? ? TYPE_6_PAIR     ? ? ? 
hydrog31 hydrog ? ? B DG 6 N7 ? ? ? 1_555 D DG 6 N2 ? ? B DG 206 D DG 306 1_555 ? ? ? ? ? ? TYPE_6_PAIR     ? ? ? 
hydrog32 hydrog ? ? B DG 6 O6 ? ? ? 1_555 D DG 6 N1 ? ? B DG 206 D DG 306 1_555 ? ? ? ? ? ? TYPE_6_PAIR     ? ? ? 
hydrog33 hydrog ? ? B DC 7 N4 ? ? ? 1_555 D DC 7 N3 ? ? B DC 207 D DC 307 1_555 ? ? ? ? ? ? 'DC-DC MISPAIR' ? ? ? 
hydrog34 hydrog ? ? C DT 1 N3 ? ? ? 1_555 D DT 1 O4 ? ? C DT 401 D DT 301 1_555 ? ? ? ? ? ? 'DT-DT MISPAIR' ? ? ? 
hydrog35 hydrog ? ? C DG 2 N1 ? ? ? 1_555 D DG 2 O6 ? ? C DG 402 D DG 302 1_555 ? ? ? ? ? ? TYPE_6_PAIR     ? ? ? 
hydrog36 hydrog ? ? C DG 2 N2 ? ? ? 1_555 D DG 2 N7 ? ? C DG 402 D DG 302 1_555 ? ? ? ? ? ? TYPE_6_PAIR     ? ? ? 
hydrog37 hydrog ? ? C DG 3 N1 ? ? ? 1_555 D DG 3 O6 ? ? C DG 403 D DG 303 1_555 ? ? ? ? ? ? TYPE_6_PAIR     ? ? ? 
hydrog38 hydrog ? ? C DG 3 N2 ? ? ? 1_555 D DG 3 N7 ? ? C DG 403 D DG 303 1_555 ? ? ? ? ? ? TYPE_6_PAIR     ? ? ? 
hydrog39 hydrog ? ? C DT 4 N3 ? ? ? 1_555 D DT 4 O4 ? ? C DT 404 D DT 304 1_555 ? ? ? ? ? ? 'DT-DT MISPAIR' ? ? ? 
hydrog40 hydrog ? ? C DG 5 N1 ? ? ? 1_555 D DG 5 O6 ? ? C DG 405 D DG 305 1_555 ? ? ? ? ? ? TYPE_6_PAIR     ? ? ? 
hydrog41 hydrog ? ? C DG 5 N2 ? ? ? 1_555 D DG 5 N7 ? ? C DG 405 D DG 305 1_555 ? ? ? ? ? ? TYPE_6_PAIR     ? ? ? 
hydrog42 hydrog ? ? C DG 6 N1 ? ? ? 1_555 D DG 6 O6 ? ? C DG 406 D DG 306 1_555 ? ? ? ? ? ? TYPE_6_PAIR     ? ? ? 
hydrog43 hydrog ? ? C DG 6 N2 ? ? ? 1_555 D DG 6 N7 ? ? C DG 406 D DG 306 1_555 ? ? ? ? ? ? TYPE_6_PAIR     ? ? ? 
hydrog44 hydrog ? ? C DC 7 N4 ? ? ? 1_555 D DG 6 O6 ? ? C DC 407 D DG 306 1_555 ? ? ? ? ? ? 'DC-DG PAIR'    ? ? ? 
hydrog45 hydrog ? ? C DC 7 N3 ? ? ? 1_555 D DC 7 N4 ? ? C DC 407 D DC 307 1_555 ? ? ? ? ? ? 'DC-DC MISPAIR' ? ? ? 
# 
_struct_conn_type.id          hydrog 
_struct_conn_type.criteria    ? 
_struct_conn_type.reference   ? 
# 
loop_
_pdbx_validate_rmsd_angle.id 
_pdbx_validate_rmsd_angle.PDB_model_num 
_pdbx_validate_rmsd_angle.auth_atom_id_1 
_pdbx_validate_rmsd_angle.auth_asym_id_1 
_pdbx_validate_rmsd_angle.auth_comp_id_1 
_pdbx_validate_rmsd_angle.auth_seq_id_1 
_pdbx_validate_rmsd_angle.PDB_ins_code_1 
_pdbx_validate_rmsd_angle.label_alt_id_1 
_pdbx_validate_rmsd_angle.auth_atom_id_2 
_pdbx_validate_rmsd_angle.auth_asym_id_2 
_pdbx_validate_rmsd_angle.auth_comp_id_2 
_pdbx_validate_rmsd_angle.auth_seq_id_2 
_pdbx_validate_rmsd_angle.PDB_ins_code_2 
_pdbx_validate_rmsd_angle.label_alt_id_2 
_pdbx_validate_rmsd_angle.auth_atom_id_3 
_pdbx_validate_rmsd_angle.auth_asym_id_3 
_pdbx_validate_rmsd_angle.auth_comp_id_3 
_pdbx_validate_rmsd_angle.auth_seq_id_3 
_pdbx_validate_rmsd_angle.PDB_ins_code_3 
_pdbx_validate_rmsd_angle.label_alt_id_3 
_pdbx_validate_rmsd_angle.angle_value 
_pdbx_validate_rmsd_angle.angle_target_value 
_pdbx_validate_rmsd_angle.angle_deviation 
_pdbx_validate_rmsd_angle.angle_standard_deviation 
_pdbx_validate_rmsd_angle.linker_flag 
1  1 "O4'" A DT 101 ? ? "C1'" A DT 101 ? ? N1    A DT 101 ? ? 111.76 108.30 3.46  0.30 N 
2  1 C6    A DT 101 ? ? C5    A DT 101 ? ? C7    A DT 101 ? ? 118.23 122.90 -4.67 0.60 N 
3  1 "O4'" A DT 104 ? ? "C1'" A DT 104 ? ? "C2'" A DT 104 ? ? 100.47 105.90 -5.43 0.80 N 
4  1 C6    A DT 104 ? ? C5    A DT 104 ? ? C7    A DT 104 ? ? 117.96 122.90 -4.94 0.60 N 
5  1 "O4'" A DG 106 ? ? "C1'" A DG 106 ? ? N9    A DG 106 ? ? 110.59 108.30 2.29  0.30 N 
6  1 N3    A DG 106 ? ? C2    A DG 106 ? ? N2    A DG 106 ? ? 114.98 119.90 -4.92 0.70 N 
7  1 N3    A DC 107 ? ? C4    A DC 107 ? ? N4    A DC 107 ? ? 112.62 118.00 -5.38 0.70 N 
8  1 "O4'" B DT 201 ? ? "C1'" B DT 201 ? ? N1    B DT 201 ? ? 112.08 108.30 3.78  0.30 N 
9  1 C6    B DT 201 ? ? C5    B DT 201 ? ? C7    B DT 201 ? ? 118.28 122.90 -4.62 0.60 N 
10 1 "O4'" B DT 204 ? ? "C1'" B DT 204 ? ? "C2'" B DT 204 ? ? 100.61 105.90 -5.29 0.80 N 
11 1 C6    B DT 204 ? ? C5    B DT 204 ? ? C7    B DT 204 ? ? 118.27 122.90 -4.63 0.60 N 
12 1 "O4'" B DG 206 ? ? "C1'" B DG 206 ? ? N9    B DG 206 ? ? 110.17 108.30 1.87  0.30 N 
13 1 N3    B DC 207 ? ? C4    B DC 207 ? ? N4    B DC 207 ? ? 113.05 118.00 -4.95 0.70 N 
14 1 "O4'" C DT 401 ? ? "C1'" C DT 401 ? ? N1    C DT 401 ? ? 111.25 108.30 2.95  0.30 N 
15 1 N3    C DT 401 ? ? C2    C DT 401 ? ? O2    C DT 401 ? ? 118.66 122.30 -3.64 0.60 N 
16 1 C6    C DT 401 ? ? C5    C DT 401 ? ? C7    C DT 401 ? ? 118.26 122.90 -4.64 0.60 N 
17 1 "O4'" C DT 404 ? ? "C1'" C DT 404 ? ? "C2'" C DT 404 ? ? 100.28 105.90 -5.62 0.80 N 
18 1 "O4'" C DT 404 ? ? "C1'" C DT 404 ? ? N1    C DT 404 ? ? 110.21 108.30 1.91  0.30 N 
19 1 N1    C DT 404 ? ? C2    C DT 404 ? ? N3    C DT 404 ? ? 118.21 114.60 3.61  0.60 N 
20 1 C6    C DT 404 ? ? C5    C DT 404 ? ? C7    C DT 404 ? ? 117.72 122.90 -5.18 0.60 N 
21 1 "O4'" C DG 406 ? ? "C1'" C DG 406 ? ? N9    C DG 406 ? ? 111.06 108.30 2.76  0.30 N 
22 1 N3    C DC 407 ? ? C4    C DC 407 ? ? N4    C DC 407 ? ? 113.51 118.00 -4.49 0.70 N 
23 1 "O4'" D DT 301 ? ? "C1'" D DT 301 ? ? N1    D DT 301 ? ? 111.46 108.30 3.16  0.30 N 
24 1 C6    D DT 301 ? ? C5    D DT 301 ? ? C7    D DT 301 ? ? 117.96 122.90 -4.94 0.60 N 
25 1 "O4'" D DT 304 ? ? "C1'" D DT 304 ? ? "C2'" D DT 304 ? ? 100.24 105.90 -5.66 0.80 N 
26 1 C6    D DT 304 ? ? C5    D DT 304 ? ? C7    D DT 304 ? ? 117.93 122.90 -4.97 0.60 N 
27 1 "O4'" D DG 306 ? ? "C1'" D DG 306 ? ? N9    D DG 306 ? ? 110.89 108.30 2.59  0.30 N 
# 
loop_
_pdbx_validate_planes.id 
_pdbx_validate_planes.PDB_model_num 
_pdbx_validate_planes.auth_comp_id 
_pdbx_validate_planes.auth_asym_id 
_pdbx_validate_planes.auth_seq_id 
_pdbx_validate_planes.PDB_ins_code 
_pdbx_validate_planes.label_alt_id 
_pdbx_validate_planes.rmsd 
_pdbx_validate_planes.type 
1  1 DG A 102 ? ? 0.089 'SIDE CHAIN' 
2  1 DT A 104 ? ? 0.060 'SIDE CHAIN' 
3  1 DC A 107 ? ? 0.076 'SIDE CHAIN' 
4  1 DG B 202 ? ? 0.090 'SIDE CHAIN' 
5  1 DT B 204 ? ? 0.078 'SIDE CHAIN' 
6  1 DC B 207 ? ? 0.091 'SIDE CHAIN' 
7  1 DG C 402 ? ? 0.132 'SIDE CHAIN' 
8  1 DG C 406 ? ? 0.052 'SIDE CHAIN' 
9  1 DC C 407 ? ? 0.138 'SIDE CHAIN' 
10 1 DG D 302 ? ? 0.087 'SIDE CHAIN' 
11 1 DT D 304 ? ? 0.069 'SIDE CHAIN' 
# 
_pdbx_nmr_ensemble.entry_id                                      1EMQ 
_pdbx_nmr_ensemble.conformers_calculated_total_number            8 
_pdbx_nmr_ensemble.conformers_submitted_total_number             1 
_pdbx_nmr_ensemble.conformer_selection_criteria                  'structures with the lowest energy' 
_pdbx_nmr_ensemble.average_constraints_per_residue               ? 
_pdbx_nmr_ensemble.average_constraint_violations_per_residue     ? 
_pdbx_nmr_ensemble.maximum_distance_constraint_violation         ? 
_pdbx_nmr_ensemble.average_distance_constraint_violation         ? 
_pdbx_nmr_ensemble.maximum_upper_distance_constraint_violation   ? 
_pdbx_nmr_ensemble.maximum_lower_distance_constraint_violation   ? 
_pdbx_nmr_ensemble.distance_constraint_violation_method          ? 
_pdbx_nmr_ensemble.maximum_torsion_angle_constraint_violation    ? 
_pdbx_nmr_ensemble.average_torsion_angle_constraint_violation    ? 
_pdbx_nmr_ensemble.torsion_angle_constraint_violation_method     ? 
# 
_pdbx_nmr_representative.entry_id             1EMQ 
_pdbx_nmr_representative.conformer_id         1 
_pdbx_nmr_representative.selection_criteria   'minimized average structure' 
# 
loop_
_pdbx_nmr_sample_details.solution_id 
_pdbx_nmr_sample_details.contents 
_pdbx_nmr_sample_details.solvent_system 
1 '1-2 mM DNA in 0.6 ml(90%H20/10%D2O) having 10 mM potassium phosphate, 0.2 mM EDTA, pH 7.0 and 100 mM KCl' '90% H2O/10% D2O' 
2 '1-2 mM DNA in 0.6 ml(D2O) having 10 mM potassium phosphate, 0.2 mM EDTA, pH 7.0 and 100 mM KCl'           D2O               
# 
_pdbx_nmr_exptl_sample_conditions.conditions_id       1 
_pdbx_nmr_exptl_sample_conditions.temperature         293 
_pdbx_nmr_exptl_sample_conditions.pressure            1 
_pdbx_nmr_exptl_sample_conditions.pH                  7.0 
_pdbx_nmr_exptl_sample_conditions.ionic_strength      ? 
_pdbx_nmr_exptl_sample_conditions.pressure_units      atm 
_pdbx_nmr_exptl_sample_conditions.temperature_units   K 
# 
loop_
_pdbx_nmr_exptl.experiment_id 
_pdbx_nmr_exptl.conditions_id 
_pdbx_nmr_exptl.type 
_pdbx_nmr_exptl.solution_id 
1 1 '2D NOESY' 1 
2 1 E-COSY     1 
3 1 2D-TOCSY   1 
# 
_pdbx_nmr_details.entry_id   1EMQ 
_pdbx_nmr_details.text       '0-70 C Temperature dependent one dimensional spectra. pH dependent spectra.' 
# 
_pdbx_nmr_refine.entry_id           1EMQ 
_pdbx_nmr_refine.method             
;An initial model of quadruplex was generated on a IRIS workastation.Energy minimization by steepest descent followed by conjugate gradients methods was done using AMBER force field. Conformational search for the cquadruplex was performed by simulated annealing-reastarined molecular dynamics using AMBER forcefield. Relaxation matrix refinement was performed.
;
_pdbx_nmr_refine.details            
;A total of 234 NOEs constarint. 20 hydrogen bonds constraints. 8 convergant structure after IRMA refinement. R1 factor = 0.31-0.33. r.m.s.d.s from average structure 0.2-0.4. Nil violation exceeding 0.2 A.
;
_pdbx_nmr_refine.software_ordinal   1 
# 
loop_
_pdbx_nmr_software.classification 
_pdbx_nmr_software.name 
_pdbx_nmr_software.version 
_pdbx_nmr_software.authors 
_pdbx_nmr_software.ordinal 
processing           Felix    230 MSI    1 
collection           VNMR     6.1 Varian 2 
'structure solution' Discover 3.1 MSI    3 
refinement           IRMA     2.3 MSI    4 
# 
loop_
_chem_comp_atom.comp_id 
_chem_comp_atom.atom_id 
_chem_comp_atom.type_symbol 
_chem_comp_atom.pdbx_aromatic_flag 
_chem_comp_atom.pdbx_stereo_config 
_chem_comp_atom.pdbx_ordinal 
DC OP3    O N N 1   
DC P      P N N 2   
DC OP1    O N N 3   
DC OP2    O N N 4   
DC "O5'"  O N N 5   
DC "C5'"  C N N 6   
DC "C4'"  C N R 7   
DC "O4'"  O N N 8   
DC "C3'"  C N S 9   
DC "O3'"  O N N 10  
DC "C2'"  C N N 11  
DC "C1'"  C N R 12  
DC N1     N N N 13  
DC C2     C N N 14  
DC O2     O N N 15  
DC N3     N N N 16  
DC C4     C N N 17  
DC N4     N N N 18  
DC C5     C N N 19  
DC C6     C N N 20  
DC HOP3   H N N 21  
DC HOP2   H N N 22  
DC "H5'"  H N N 23  
DC "H5''" H N N 24  
DC "H4'"  H N N 25  
DC "H3'"  H N N 26  
DC "HO3'" H N N 27  
DC "H2'"  H N N 28  
DC "H2''" H N N 29  
DC "H1'"  H N N 30  
DC H41    H N N 31  
DC H42    H N N 32  
DC H5     H N N 33  
DC H6     H N N 34  
DG OP3    O N N 35  
DG P      P N N 36  
DG OP1    O N N 37  
DG OP2    O N N 38  
DG "O5'"  O N N 39  
DG "C5'"  C N N 40  
DG "C4'"  C N R 41  
DG "O4'"  O N N 42  
DG "C3'"  C N S 43  
DG "O3'"  O N N 44  
DG "C2'"  C N N 45  
DG "C1'"  C N R 46  
DG N9     N Y N 47  
DG C8     C Y N 48  
DG N7     N Y N 49  
DG C5     C Y N 50  
DG C6     C N N 51  
DG O6     O N N 52  
DG N1     N N N 53  
DG C2     C N N 54  
DG N2     N N N 55  
DG N3     N N N 56  
DG C4     C Y N 57  
DG HOP3   H N N 58  
DG HOP2   H N N 59  
DG "H5'"  H N N 60  
DG "H5''" H N N 61  
DG "H4'"  H N N 62  
DG "H3'"  H N N 63  
DG "HO3'" H N N 64  
DG "H2'"  H N N 65  
DG "H2''" H N N 66  
DG "H1'"  H N N 67  
DG H8     H N N 68  
DG H1     H N N 69  
DG H21    H N N 70  
DG H22    H N N 71  
DT OP3    O N N 72  
DT P      P N N 73  
DT OP1    O N N 74  
DT OP2    O N N 75  
DT "O5'"  O N N 76  
DT "C5'"  C N N 77  
DT "C4'"  C N R 78  
DT "O4'"  O N N 79  
DT "C3'"  C N S 80  
DT "O3'"  O N N 81  
DT "C2'"  C N N 82  
DT "C1'"  C N R 83  
DT N1     N N N 84  
DT C2     C N N 85  
DT O2     O N N 86  
DT N3     N N N 87  
DT C4     C N N 88  
DT O4     O N N 89  
DT C5     C N N 90  
DT C7     C N N 91  
DT C6     C N N 92  
DT HOP3   H N N 93  
DT HOP2   H N N 94  
DT "H5'"  H N N 95  
DT "H5''" H N N 96  
DT "H4'"  H N N 97  
DT "H3'"  H N N 98  
DT "HO3'" H N N 99  
DT "H2'"  H N N 100 
DT "H2''" H N N 101 
DT "H1'"  H N N 102 
DT H3     H N N 103 
DT H71    H N N 104 
DT H72    H N N 105 
DT H73    H N N 106 
DT H6     H N N 107 
# 
loop_
_chem_comp_bond.comp_id 
_chem_comp_bond.atom_id_1 
_chem_comp_bond.atom_id_2 
_chem_comp_bond.value_order 
_chem_comp_bond.pdbx_aromatic_flag 
_chem_comp_bond.pdbx_stereo_config 
_chem_comp_bond.pdbx_ordinal 
DC OP3   P      sing N N 1   
DC OP3   HOP3   sing N N 2   
DC P     OP1    doub N N 3   
DC P     OP2    sing N N 4   
DC P     "O5'"  sing N N 5   
DC OP2   HOP2   sing N N 6   
DC "O5'" "C5'"  sing N N 7   
DC "C5'" "C4'"  sing N N 8   
DC "C5'" "H5'"  sing N N 9   
DC "C5'" "H5''" sing N N 10  
DC "C4'" "O4'"  sing N N 11  
DC "C4'" "C3'"  sing N N 12  
DC "C4'" "H4'"  sing N N 13  
DC "O4'" "C1'"  sing N N 14  
DC "C3'" "O3'"  sing N N 15  
DC "C3'" "C2'"  sing N N 16  
DC "C3'" "H3'"  sing N N 17  
DC "O3'" "HO3'" sing N N 18  
DC "C2'" "C1'"  sing N N 19  
DC "C2'" "H2'"  sing N N 20  
DC "C2'" "H2''" sing N N 21  
DC "C1'" N1     sing N N 22  
DC "C1'" "H1'"  sing N N 23  
DC N1    C2     sing N N 24  
DC N1    C6     sing N N 25  
DC C2    O2     doub N N 26  
DC C2    N3     sing N N 27  
DC N3    C4     doub N N 28  
DC C4    N4     sing N N 29  
DC C4    C5     sing N N 30  
DC N4    H41    sing N N 31  
DC N4    H42    sing N N 32  
DC C5    C6     doub N N 33  
DC C5    H5     sing N N 34  
DC C6    H6     sing N N 35  
DG OP3   P      sing N N 36  
DG OP3   HOP3   sing N N 37  
DG P     OP1    doub N N 38  
DG P     OP2    sing N N 39  
DG P     "O5'"  sing N N 40  
DG OP2   HOP2   sing N N 41  
DG "O5'" "C5'"  sing N N 42  
DG "C5'" "C4'"  sing N N 43  
DG "C5'" "H5'"  sing N N 44  
DG "C5'" "H5''" sing N N 45  
DG "C4'" "O4'"  sing N N 46  
DG "C4'" "C3'"  sing N N 47  
DG "C4'" "H4'"  sing N N 48  
DG "O4'" "C1'"  sing N N 49  
DG "C3'" "O3'"  sing N N 50  
DG "C3'" "C2'"  sing N N 51  
DG "C3'" "H3'"  sing N N 52  
DG "O3'" "HO3'" sing N N 53  
DG "C2'" "C1'"  sing N N 54  
DG "C2'" "H2'"  sing N N 55  
DG "C2'" "H2''" sing N N 56  
DG "C1'" N9     sing N N 57  
DG "C1'" "H1'"  sing N N 58  
DG N9    C8     sing Y N 59  
DG N9    C4     sing Y N 60  
DG C8    N7     doub Y N 61  
DG C8    H8     sing N N 62  
DG N7    C5     sing Y N 63  
DG C5    C6     sing N N 64  
DG C5    C4     doub Y N 65  
DG C6    O6     doub N N 66  
DG C6    N1     sing N N 67  
DG N1    C2     sing N N 68  
DG N1    H1     sing N N 69  
DG C2    N2     sing N N 70  
DG C2    N3     doub N N 71  
DG N2    H21    sing N N 72  
DG N2    H22    sing N N 73  
DG N3    C4     sing N N 74  
DT OP3   P      sing N N 75  
DT OP3   HOP3   sing N N 76  
DT P     OP1    doub N N 77  
DT P     OP2    sing N N 78  
DT P     "O5'"  sing N N 79  
DT OP2   HOP2   sing N N 80  
DT "O5'" "C5'"  sing N N 81  
DT "C5'" "C4'"  sing N N 82  
DT "C5'" "H5'"  sing N N 83  
DT "C5'" "H5''" sing N N 84  
DT "C4'" "O4'"  sing N N 85  
DT "C4'" "C3'"  sing N N 86  
DT "C4'" "H4'"  sing N N 87  
DT "O4'" "C1'"  sing N N 88  
DT "C3'" "O3'"  sing N N 89  
DT "C3'" "C2'"  sing N N 90  
DT "C3'" "H3'"  sing N N 91  
DT "O3'" "HO3'" sing N N 92  
DT "C2'" "C1'"  sing N N 93  
DT "C2'" "H2'"  sing N N 94  
DT "C2'" "H2''" sing N N 95  
DT "C1'" N1     sing N N 96  
DT "C1'" "H1'"  sing N N 97  
DT N1    C2     sing N N 98  
DT N1    C6     sing N N 99  
DT C2    O2     doub N N 100 
DT C2    N3     sing N N 101 
DT N3    C4     sing N N 102 
DT N3    H3     sing N N 103 
DT C4    O4     doub N N 104 
DT C4    C5     sing N N 105 
DT C5    C7     sing N N 106 
DT C5    C6     doub N N 107 
DT C7    H71    sing N N 108 
DT C7    H72    sing N N 109 
DT C7    H73    sing N N 110 
DT C6    H6     sing N N 111 
# 
_ndb_struct_conf_na.entry_id   1EMQ 
_ndb_struct_conf_na.feature    'triple helix' 
# 
loop_
_pdbx_nmr_spectrometer.spectrometer_id 
_pdbx_nmr_spectrometer.model 
_pdbx_nmr_spectrometer.manufacturer 
_pdbx_nmr_spectrometer.field_strength 
_pdbx_nmr_spectrometer.type 
1 UNITYPLUS Varian 600 ? 
2 AMX       Bruker 500 ? 
# 
_atom_sites.entry_id                    1EMQ 
_atom_sites.fract_transf_matrix[1][1]   1.000000 
_atom_sites.fract_transf_matrix[1][2]   0.000000 
_atom_sites.fract_transf_matrix[1][3]   0.000000 
_atom_sites.fract_transf_matrix[2][1]   0.000000 
_atom_sites.fract_transf_matrix[2][2]   1.000000 
_atom_sites.fract_transf_matrix[2][3]   0.000000 
_atom_sites.fract_transf_matrix[3][1]   0.000000 
_atom_sites.fract_transf_matrix[3][2]   0.000000 
_atom_sites.fract_transf_matrix[3][3]   1.000000 
_atom_sites.fract_transf_vector[1]      0.00000 
_atom_sites.fract_transf_vector[2]      0.00000 
_atom_sites.fract_transf_vector[3]      0.00000 
# 
loop_
_atom_type.symbol 
C 
H 
N 
O 
P 
# 
loop_
_atom_site.group_PDB 
_atom_site.id 
_atom_site.type_symbol 
_atom_site.label_atom_id 
_atom_site.label_alt_id 
_atom_site.label_comp_id 
_atom_site.label_asym_id 
_atom_site.label_entity_id 
_atom_site.label_seq_id 
_atom_site.pdbx_PDB_ins_code 
_atom_site.Cartn_x 
_atom_site.Cartn_y 
_atom_site.Cartn_z 
_atom_site.occupancy 
_atom_site.B_iso_or_equiv 
_atom_site.pdbx_formal_charge 
_atom_site.auth_seq_id 
_atom_site.auth_comp_id 
_atom_site.auth_asym_id 
_atom_site.auth_atom_id 
_atom_site.pdbx_PDB_model_num 
ATOM 1   O "O5'"  . DT A 1 1 ? -13.447 7.787   5.167   1.00 0.00 ? 101 DT A "O5'"  1 
ATOM 2   C "C5'"  . DT A 1 1 ? -12.280 7.776   5.969   1.00 0.00 ? 101 DT A "C5'"  1 
ATOM 3   C "C4'"  . DT A 1 1 ? -11.058 8.025   5.077   1.00 0.00 ? 101 DT A "C4'"  1 
ATOM 4   O "O4'"  . DT A 1 1 ? -9.817  7.972   5.767   1.00 0.00 ? 101 DT A "O4'"  1 
ATOM 5   C "C3'"  . DT A 1 1 ? -10.942 6.945   4.001   1.00 0.00 ? 101 DT A "C3'"  1 
ATOM 6   O "O3'"  . DT A 1 1 ? -11.749 7.313   2.908   1.00 0.00 ? 101 DT A "O3'"  1 
ATOM 7   C "C2'"  . DT A 1 1 ? -9.428  6.924   3.711   1.00 0.00 ? 101 DT A "C2'"  1 
ATOM 8   C "C1'"  . DT A 1 1 ? -8.810  7.842   4.776   1.00 0.00 ? 101 DT A "C1'"  1 
ATOM 9   N N1     . DT A 1 1 ? -7.571  7.236   5.327   1.00 0.00 ? 101 DT A N1     1 
ATOM 10  C C2     . DT A 1 1 ? -6.344  7.817   5.009   1.00 0.00 ? 101 DT A C2     1 
ATOM 11  O O2     . DT A 1 1 ? -6.230  8.861   4.388   1.00 0.00 ? 101 DT A O2     1 
ATOM 12  N N3     . DT A 1 1 ? -5.213  7.173   5.444   1.00 0.00 ? 101 DT A N3     1 
ATOM 13  C C4     . DT A 1 1 ? -5.188  6.047   6.235   1.00 0.00 ? 101 DT A C4     1 
ATOM 14  O O4     . DT A 1 1 ? -4.102  5.636   6.630   1.00 0.00 ? 101 DT A O4     1 
ATOM 15  C C5     . DT A 1 1 ? -6.507  5.473   6.530   1.00 0.00 ? 101 DT A C5     1 
ATOM 16  C C7     . DT A 1 1 ? -6.662  4.216   7.380   1.00 0.00 ? 101 DT A C7     1 
ATOM 17  C C6     . DT A 1 1 ? -7.632  6.080   6.068   1.00 0.00 ? 101 DT A C6     1 
ATOM 18  H "H5'"  . DT A 1 1 ? -12.194 6.807   6.466   1.00 0.00 ? 101 DT A "H5'"  1 
ATOM 19  H "H5''" . DT A 1 1 ? -12.355 8.555   6.728   1.00 0.00 ? 101 DT A "H5''" 1 
ATOM 20  H "H4'"  . DT A 1 1 ? -11.183 9.008   4.611   1.00 0.00 ? 101 DT A "H4'"  1 
ATOM 21  H "H3'"  . DT A 1 1 ? -11.301 5.999   4.429   1.00 0.00 ? 101 DT A "H3'"  1 
ATOM 22  H "H2'"  . DT A 1 1 ? -9.054  5.891   3.760   1.00 0.00 ? 101 DT A "H2'"  1 
ATOM 23  H "H2''" . DT A 1 1 ? -9.165  7.332   2.738   1.00 0.00 ? 101 DT A "H2''" 1 
ATOM 24  H "H1'"  . DT A 1 1 ? -8.626  8.846   4.378   1.00 0.00 ? 101 DT A "H1'"  1 
ATOM 25  H H3     . DT A 1 1 ? -4.325  7.562   5.157   1.00 0.00 ? 101 DT A H3     1 
ATOM 26  H H71    . DT A 1 1 ? -5.706  3.705   7.488   1.00 0.00 ? 101 DT A H71    1 
ATOM 27  H H72    . DT A 1 1 ? -7.014  4.484   8.377   1.00 0.00 ? 101 DT A H72    1 
ATOM 28  H H73    . DT A 1 1 ? -7.374  3.524   6.927   1.00 0.00 ? 101 DT A H73    1 
ATOM 29  H H6     . DT A 1 1 ? -8.609  5.659   6.258   1.00 0.00 ? 101 DT A H6     1 
ATOM 30  H "HO5'" . DT A 1 1 ? -13.210 7.492   4.276   1.00 0.00 ? 101 DT A "HO5'" 1 
ATOM 31  P P      . DG A 1 2 ? -11.817 6.414   1.581   1.00 0.00 ? 102 DG A P      1 
ATOM 32  O OP1    . DG A 1 2 ? -13.057 6.777   0.868   1.00 0.00 ? 102 DG A OP1    1 
ATOM 33  O OP2    . DG A 1 2 ? -11.568 5.013   1.982   1.00 0.00 ? 102 DG A OP2    1 
ATOM 34  O "O5'"  . DG A 1 2 ? -10.562 6.937   0.727   1.00 0.00 ? 102 DG A "O5'"  1 
ATOM 35  C "C5'"  . DG A 1 2 ? -10.410 8.311   0.405   1.00 0.00 ? 102 DG A "C5'"  1 
ATOM 36  C "C4'"  . DG A 1 2 ? -9.119  8.555   -0.396  1.00 0.00 ? 102 DG A "C4'"  1 
ATOM 37  O "O4'"  . DG A 1 2 ? -7.964  8.109   0.315   1.00 0.00 ? 102 DG A "O4'"  1 
ATOM 38  C "C3'"  . DG A 1 2 ? -9.136  7.844   -1.760  1.00 0.00 ? 102 DG A "C3'"  1 
ATOM 39  O "O3'"  . DG A 1 2 ? -8.592  8.726   -2.720  1.00 0.00 ? 102 DG A "O3'"  1 
ATOM 40  C "C2'"  . DG A 1 2 ? -8.220  6.664   -1.479  1.00 0.00 ? 102 DG A "C2'"  1 
ATOM 41  C "C1'"  . DG A 1 2 ? -7.192  7.314   -0.564  1.00 0.00 ? 102 DG A "C1'"  1 
ATOM 42  N N9     . DG A 1 2 ? -6.399  6.344   0.216   1.00 0.00 ? 102 DG A N9     1 
ATOM 43  C C8     . DG A 1 2 ? -6.838  5.280   0.960   1.00 0.00 ? 102 DG A C8     1 
ATOM 44  N N7     . DG A 1 2 ? -5.941  4.771   1.761   1.00 0.00 ? 102 DG A N7     1 
ATOM 45  C C5     . DG A 1 2 ? -4.798  5.524   1.476   1.00 0.00 ? 102 DG A C5     1 
ATOM 46  C C6     . DG A 1 2 ? -3.465  5.472   1.999   1.00 0.00 ? 102 DG A C6     1 
ATOM 47  O O6     . DG A 1 2 ? -3.029  4.752   2.882   1.00 0.00 ? 102 DG A O6     1 
ATOM 48  N N1     . DG A 1 2 ? -2.592  6.367   1.419   1.00 0.00 ? 102 DG A N1     1 
ATOM 49  C C2     . DG A 1 2 ? -2.951  7.228   0.442   1.00 0.00 ? 102 DG A C2     1 
ATOM 50  N N2     . DG A 1 2 ? -2.005  7.965   -0.070  1.00 0.00 ? 102 DG A N2     1 
ATOM 51  N N3     . DG A 1 2 ? -4.176  7.324   -0.064  1.00 0.00 ? 102 DG A N3     1 
ATOM 52  C C4     . DG A 1 2 ? -5.061  6.451   0.496   1.00 0.00 ? 102 DG A C4     1 
ATOM 53  H "H5'"  . DG A 1 2 ? -10.361 8.910   1.317   1.00 0.00 ? 102 DG A "H5'"  1 
ATOM 54  H "H5''" . DG A 1 2 ? -11.260 8.653   -0.187  1.00 0.00 ? 102 DG A "H5''" 1 
ATOM 55  H "H4'"  . DG A 1 2 ? -9.028  9.630   -0.555  1.00 0.00 ? 102 DG A "H4'"  1 
ATOM 56  H "H3'"  . DG A 1 2 ? -10.135 7.514   -2.050  1.00 0.00 ? 102 DG A "H3'"  1 
ATOM 57  H "H2'"  . DG A 1 2 ? -8.824  5.909   -0.985  1.00 0.00 ? 102 DG A "H2'"  1 
ATOM 58  H "H2''" . DG A 1 2 ? -7.770  6.232   -2.360  1.00 0.00 ? 102 DG A "H2''" 1 
ATOM 59  H "H1'"  . DG A 1 2 ? -6.542  7.960   -1.158  1.00 0.00 ? 102 DG A "H1'"  1 
ATOM 60  H H8     . DG A 1 2 ? -7.846  4.906   0.907   1.00 0.00 ? 102 DG A H8     1 
ATOM 61  H H1     . DG A 1 2 ? -1.661  6.362   1.799   1.00 0.00 ? 102 DG A H1     1 
ATOM 62  H H21    . DG A 1 2 ? -1.035  7.878   0.228   1.00 0.00 ? 102 DG A H21    1 
ATOM 63  H H22    . DG A 1 2 ? -2.287  8.520   -0.858  1.00 0.00 ? 102 DG A H22    1 
ATOM 64  P P      . DG A 1 3 ? -8.474  8.331   -4.264  1.00 0.00 ? 103 DG A P      1 
ATOM 65  O OP1    . DG A 1 3 ? -8.828  9.520   -5.067  1.00 0.00 ? 103 DG A OP1    1 
ATOM 66  O OP2    . DG A 1 3 ? -9.180  7.050   -4.477  1.00 0.00 ? 103 DG A OP2    1 
ATOM 67  O "O5'"  . DG A 1 3 ? -6.894  8.074   -4.390  1.00 0.00 ? 103 DG A "O5'"  1 
ATOM 68  C "C5'"  . DG A 1 3 ? -5.975  9.155   -4.403  1.00 0.00 ? 103 DG A "C5'"  1 
ATOM 69  C "C4'"  . DG A 1 3 ? -4.548  8.662   -4.680  1.00 0.00 ? 103 DG A "C4'"  1 
ATOM 70  O "O4'"  . DG A 1 3 ? -3.989  7.971   -3.572  1.00 0.00 ? 103 DG A "O4'"  1 
ATOM 71  C "C3'"  . DG A 1 3 ? -4.468  7.746   -5.916  1.00 0.00 ? 103 DG A "C3'"  1 
ATOM 72  O "O3'"  . DG A 1 3 ? -3.690  8.401   -6.894  1.00 0.00 ? 103 DG A "O3'"  1 
ATOM 73  C "C2'"  . DG A 1 3 ? -3.852  6.482   -5.328  1.00 0.00 ? 103 DG A "C2'"  1 
ATOM 74  C "C1'"  . DG A 1 3 ? -3.138  6.962   -4.074  1.00 0.00 ? 103 DG A "C1'"  1 
ATOM 75  N N9     . DG A 1 3 ? -3.086  5.897   -3.055  1.00 0.00 ? 103 DG A N9     1 
ATOM 76  C C8     . DG A 1 3 ? -4.137  5.183   -2.542  1.00 0.00 ? 103 DG A C8     1 
ATOM 77  N N7     . DG A 1 3 ? -3.815  4.355   -1.586  1.00 0.00 ? 103 DG A N7     1 
ATOM 78  C C5     . DG A 1 3 ? -2.439  4.567   -1.436  1.00 0.00 ? 103 DG A C5     1 
ATOM 79  C C6     . DG A 1 3 ? -1.484  4.015   -0.522  1.00 0.00 ? 103 DG A C6     1 
ATOM 80  O O6     . DG A 1 3 ? -1.662  3.154   0.324   1.00 0.00 ? 103 DG A O6     1 
ATOM 81  N N1     . DG A 1 3 ? -0.218  4.545   -0.637  1.00 0.00 ? 103 DG A N1     1 
ATOM 82  C C2     . DG A 1 3 ? 0.115   5.487   -1.547  1.00 0.00 ? 103 DG A C2     1 
ATOM 83  N N2     . DG A 1 3 ? 1.378   5.793   -1.646  1.00 0.00 ? 103 DG A N2     1 
ATOM 84  N N3     . DG A 1 3 ? -0.726  6.000   -2.437  1.00 0.00 ? 103 DG A N3     1 
ATOM 85  C C4     . DG A 1 3 ? -1.994  5.519   -2.323  1.00 0.00 ? 103 DG A C4     1 
ATOM 86  H "H5'"  . DG A 1 3 ? -5.997  9.687   -3.449  1.00 0.00 ? 103 DG A "H5'"  1 
ATOM 87  H "H5''" . DG A 1 3 ? -6.237  9.854   -5.200  1.00 0.00 ? 103 DG A "H5''" 1 
ATOM 88  H "H4'"  . DG A 1 3 ? -3.908  9.532   -4.838  1.00 0.00 ? 103 DG A "H4'"  1 
ATOM 89  H "H3'"  . DG A 1 3 ? -5.452  7.499   -6.317  1.00 0.00 ? 103 DG A "H3'"  1 
ATOM 90  H "H2'"  . DG A 1 3 ? -4.680  5.818   -5.113  1.00 0.00 ? 103 DG A "H2'"  1 
ATOM 91  H "H2''" . DG A 1 3 ? -3.178  5.943   -5.968  1.00 0.00 ? 103 DG A "H2''" 1 
ATOM 92  H "H1'"  . DG A 1 3 ? -2.147  7.346   -4.351  1.00 0.00 ? 103 DG A "H1'"  1 
ATOM 93  H H8     . DG A 1 3 ? -5.146  5.306   -2.908  1.00 0.00 ? 103 DG A H8     1 
ATOM 94  H H1     . DG A 1 3 ? 0.468   4.156   -0.012  1.00 0.00 ? 103 DG A H1     1 
ATOM 95  H H21    . DG A 1 3 ? 2.067   5.432   -0.991  1.00 0.00 ? 103 DG A H21    1 
ATOM 96  H H22    . DG A 1 3 ? 1.607   6.414   -2.398  1.00 0.00 ? 103 DG A H22    1 
ATOM 97  P P      . DT A 1 4 ? -3.187  7.678   -8.228  1.00 0.00 ? 104 DT A P      1 
ATOM 98  O OP1    . DT A 1 4 ? -2.849  8.721   -9.218  1.00 0.00 ? 104 DT A OP1    1 
ATOM 99  O OP2    . DT A 1 4 ? -4.131  6.592   -8.565  1.00 0.00 ? 104 DT A OP2    1 
ATOM 100 O "O5'"  . DT A 1 4 ? -1.824  7.036   -7.680  1.00 0.00 ? 104 DT A "O5'"  1 
ATOM 101 C "C5'"  . DT A 1 4 ? -0.848  7.847   -7.053  1.00 0.00 ? 104 DT A "C5'"  1 
ATOM 102 C "C4'"  . DT A 1 4 ? 0.301   6.990   -6.519  1.00 0.00 ? 104 DT A "C4'"  1 
ATOM 103 O "O4'"  . DT A 1 4 ? -0.067  6.066   -5.504  1.00 0.00 ? 104 DT A "O4'"  1 
ATOM 104 C "C3'"  . DT A 1 4 ? 1.017   6.215   -7.629  1.00 0.00 ? 104 DT A "C3'"  1 
ATOM 105 O "O3'"  . DT A 1 4 ? 2.372   6.609   -7.706  1.00 0.00 ? 104 DT A "O3'"  1 
ATOM 106 C "C2'"  . DT A 1 4 ? 0.886   4.785   -7.107  1.00 0.00 ? 104 DT A "C2'"  1 
ATOM 107 C "C1'"  . DT A 1 4 ? 0.826   4.971   -5.593  1.00 0.00 ? 104 DT A "C1'"  1 
ATOM 108 N N1     . DT A 1 4 ? 0.281   3.804   -4.826  1.00 0.00 ? 104 DT A N1     1 
ATOM 109 C C2     . DT A 1 4 ? 1.044   3.235   -3.800  1.00 0.00 ? 104 DT A C2     1 
ATOM 110 O O2     . DT A 1 4 ? 2.200   3.552   -3.578  1.00 0.00 ? 104 DT A O2     1 
ATOM 111 N N3     . DT A 1 4 ? 0.442   2.285   -2.988  1.00 0.00 ? 104 DT A N3     1 
ATOM 112 C C4     . DT A 1 4 ? -0.879  1.877   -3.096  1.00 0.00 ? 104 DT A C4     1 
ATOM 113 O O4     . DT A 1 4 ? -1.341  1.061   -2.292  1.00 0.00 ? 104 DT A O4     1 
ATOM 114 C C5     . DT A 1 4 ? -1.621  2.502   -4.201  1.00 0.00 ? 104 DT A C5     1 
ATOM 115 C C7     . DT A 1 4 ? -3.076  2.142   -4.482  1.00 0.00 ? 104 DT A C7     1 
ATOM 116 C C6     . DT A 1 4 ? -1.023  3.416   -5.011  1.00 0.00 ? 104 DT A C6     1 
ATOM 117 H "H5'"  . DT A 1 4 ? -1.269  8.406   -6.215  1.00 0.00 ? 104 DT A "H5'"  1 
ATOM 118 H "H5''" . DT A 1 4 ? -0.446  8.562   -7.774  1.00 0.00 ? 104 DT A "H5''" 1 
ATOM 119 H "H4'"  . DT A 1 4 ? 0.989   7.649   -6.024  1.00 0.00 ? 104 DT A "H4'"  1 
ATOM 120 H "H3'"  . DT A 1 4 ? 0.510   6.350   -8.582  1.00 0.00 ? 104 DT A "H3'"  1 
ATOM 121 H "H2'"  . DT A 1 4 ? -0.042  4.369   -7.491  1.00 0.00 ? 104 DT A "H2'"  1 
ATOM 122 H "H2''" . DT A 1 4 ? 1.729   4.183   -7.403  1.00 0.00 ? 104 DT A "H2''" 1 
ATOM 123 H "H1'"  . DT A 1 4 ? 1.822   5.263   -5.258  1.00 0.00 ? 104 DT A "H1'"  1 
ATOM 124 H H3     . DT A 1 4 ? 1.014   1.875   -2.256  1.00 0.00 ? 104 DT A H3     1 
ATOM 125 H H71    . DT A 1 4 ? -3.740  2.704   -3.827  1.00 0.00 ? 104 DT A H71    1 
ATOM 126 H H72    . DT A 1 4 ? -3.354  2.334   -5.520  1.00 0.00 ? 104 DT A H72    1 
ATOM 127 H H73    . DT A 1 4 ? -3.232  1.085   -4.290  1.00 0.00 ? 104 DT A H73    1 
ATOM 128 H H6     . DT A 1 4 ? -1.568  3.878   -5.822  1.00 0.00 ? 104 DT A H6     1 
ATOM 129 P P      . DG A 1 5 ? 3.326   6.071   -8.879  1.00 0.00 ? 105 DG A P      1 
ATOM 130 O OP1    . DG A 1 5 ? 4.140   7.206   -9.360  1.00 0.00 ? 105 DG A OP1    1 
ATOM 131 O OP2    . DG A 1 5 ? 2.507   5.289   -9.829  1.00 0.00 ? 105 DG A OP2    1 
ATOM 132 O "O5'"  . DG A 1 5 ? 4.289   5.044   -8.106  1.00 0.00 ? 105 DG A "O5'"  1 
ATOM 133 C "C5'"  . DG A 1 5 ? 5.361   5.501   -7.299  1.00 0.00 ? 105 DG A "C5'"  1 
ATOM 134 C "C4'"  . DG A 1 5 ? 6.329   4.350   -6.989  1.00 0.00 ? 105 DG A "C4'"  1 
ATOM 135 O "O4'"  . DG A 1 5 ? 5.786   3.425   -6.053  1.00 0.00 ? 105 DG A "O4'"  1 
ATOM 136 C "C3'"  . DG A 1 5 ? 6.731   3.586   -8.261  1.00 0.00 ? 105 DG A "C3'"  1 
ATOM 137 O "O3'"  . DG A 1 5 ? 8.133   3.439   -8.234  1.00 0.00 ? 105 DG A "O3'"  1 
ATOM 138 C "C2'"  . DG A 1 5 ? 5.933   2.295   -8.080  1.00 0.00 ? 105 DG A "C2'"  1 
ATOM 139 C "C1'"  . DG A 1 5 ? 5.881   2.109   -6.567  1.00 0.00 ? 105 DG A "C1'"  1 
ATOM 140 N N9     . DG A 1 5 ? 4.643   1.422   -6.104  1.00 0.00 ? 105 DG A N9     1 
ATOM 141 C C8     . DG A 1 5 ? 3.350   1.639   -6.522  1.00 0.00 ? 105 DG A C8     1 
ATOM 142 N N7     . DG A 1 5 ? 2.425   1.026   -5.838  1.00 0.00 ? 105 DG A N7     1 
ATOM 143 C C5     . DG A 1 5 ? 3.163   0.361   -4.859  1.00 0.00 ? 105 DG A C5     1 
ATOM 144 C C6     . DG A 1 5 ? 2.742   -0.460  -3.764  1.00 0.00 ? 105 DG A C6     1 
ATOM 145 O O6     . DG A 1 5 ? 1.604   -0.807  -3.481  1.00 0.00 ? 105 DG A O6     1 
ATOM 146 N N1     . DG A 1 5 ? 3.768   -0.894  -2.953  1.00 0.00 ? 105 DG A N1     1 
ATOM 147 C C2     . DG A 1 5 ? 5.064   -0.555  -3.151  1.00 0.00 ? 105 DG A C2     1 
ATOM 148 N N2     . DG A 1 5 ? 5.932   -1.055  -2.314  1.00 0.00 ? 105 DG A N2     1 
ATOM 149 N N3     . DG A 1 5 ? 5.504   0.184   -4.167  1.00 0.00 ? 105 DG A N3     1 
ATOM 150 C C4     . DG A 1 5 ? 4.509   0.624   -4.991  1.00 0.00 ? 105 DG A C4     1 
ATOM 151 H "H5'"  . DG A 1 5 ? 4.988   5.936   -6.372  1.00 0.00 ? 105 DG A "H5'"  1 
ATOM 152 H "H5''" . DG A 1 5 ? 5.938   6.259   -7.832  1.00 0.00 ? 105 DG A "H5''" 1 
ATOM 153 H "H4'"  . DG A 1 5 ? 7.213   4.781   -6.529  1.00 0.00 ? 105 DG A "H4'"  1 
ATOM 154 H "H3'"  . DG A 1 5 ? 6.460   4.107   -9.181  1.00 0.00 ? 105 DG A "H3'"  1 
ATOM 155 H "H2'"  . DG A 1 5 ? 4.953   2.461   -8.501  1.00 0.00 ? 105 DG A "H2'"  1 
ATOM 156 H "H2''" . DG A 1 5 ? 6.364   1.445   -8.586  1.00 0.00 ? 105 DG A "H2''" 1 
ATOM 157 H "H1'"  . DG A 1 5 ? 6.831   1.615   -6.294  1.00 0.00 ? 105 DG A "H1'"  1 
ATOM 158 H H8     . DG A 1 5 ? 3.084   2.278   -7.344  1.00 0.00 ? 105 DG A H8     1 
ATOM 159 H H1     . DG A 1 5 ? 3.490   -1.484  -2.186  1.00 0.00 ? 105 DG A H1     1 
ATOM 160 H H21    . DG A 1 5 ? 5.667   -1.692  -1.565  1.00 0.00 ? 105 DG A H21    1 
ATOM 161 H H22    . DG A 1 5 ? 6.890   -0.874  -2.555  1.00 0.00 ? 105 DG A H22    1 
ATOM 162 P P      . DG A 1 6 ? 8.919   2.486   -9.240  1.00 0.00 ? 106 DG A P      1 
ATOM 163 O OP1    . DG A 1 6 ? 10.266  3.048   -9.468  1.00 0.00 ? 106 DG A OP1    1 
ATOM 164 O OP2    . DG A 1 6 ? 8.040   2.135   -10.376 1.00 0.00 ? 106 DG A OP2    1 
ATOM 165 O "O5'"  . DG A 1 6 ? 9.042   1.233   -8.255  1.00 0.00 ? 106 DG A "O5'"  1 
ATOM 166 C "C5'"  . DG A 1 6 ? 9.801   1.325   -7.058  1.00 0.00 ? 106 DG A "C5'"  1 
ATOM 167 C "C4'"  . DG A 1 6 ? 9.806   -0.019  -6.323  1.00 0.00 ? 106 DG A "C4'"  1 
ATOM 168 O "O4'"  . DG A 1 6 ? 8.520   -0.336  -5.807  1.00 0.00 ? 106 DG A "O4'"  1 
ATOM 169 C "C3'"  . DG A 1 6 ? 10.208  -1.161  -7.273  1.00 0.00 ? 106 DG A "C3'"  1 
ATOM 170 O "O3'"  . DG A 1 6 ? 11.197  -1.949  -6.630  1.00 0.00 ? 106 DG A "O3'"  1 
ATOM 171 C "C2'"  . DG A 1 6 ? 8.890   -1.873  -7.494  1.00 0.00 ? 106 DG A "C2'"  1 
ATOM 172 C "C1'"  . DG A 1 6 ? 8.276   -1.686  -6.128  1.00 0.00 ? 106 DG A "C1'"  1 
ATOM 173 N N9     . DG A 1 6 ? 6.837   -1.954  -6.168  1.00 0.00 ? 106 DG A N9     1 
ATOM 174 C C8     . DG A 1 6 ? 5.871   -1.514  -7.037  1.00 0.00 ? 106 DG A C8     1 
ATOM 175 N N7     . DG A 1 6 ? 4.672   -1.939  -6.744  1.00 0.00 ? 106 DG A N7     1 
ATOM 176 C C5     . DG A 1 6 ? 4.867   -2.732  -5.611  1.00 0.00 ? 106 DG A C5     1 
ATOM 177 C C6     . DG A 1 6 ? 3.972   -3.492  -4.790  1.00 0.00 ? 106 DG A C6     1 
ATOM 178 O O6     . DG A 1 6 ? 2.767   -3.624  -4.929  1.00 0.00 ? 106 DG A O6     1 
ATOM 179 N N1     . DG A 1 6 ? 4.578   -4.138  -3.729  1.00 0.00 ? 106 DG A N1     1 
ATOM 180 C C2     . DG A 1 6 ? 5.903   -4.024  -3.466  1.00 0.00 ? 106 DG A C2     1 
ATOM 181 N N2     . DG A 1 6 ? 6.436   -4.796  -2.573  1.00 0.00 ? 106 DG A N2     1 
ATOM 182 N N3     . DG A 1 6 ? 6.764   -3.355  -4.209  1.00 0.00 ? 106 DG A N3     1 
ATOM 183 C C4     . DG A 1 6 ? 6.188   -2.725  -5.257  1.00 0.00 ? 106 DG A C4     1 
ATOM 184 H "H5'"  . DG A 1 6 ? 9.435   2.107   -6.390  1.00 0.00 ? 106 DG A "H5'"  1 
ATOM 185 H "H5''" . DG A 1 6 ? 10.829  1.571   -7.308  1.00 0.00 ? 106 DG A "H5''" 1 
ATOM 186 H "H4'"  . DG A 1 6 ? 10.508  0.053   -5.489  1.00 0.00 ? 106 DG A "H4'"  1 
ATOM 187 H "H3'"  . DG A 1 6 ? 10.516  -0.770  -8.231  1.00 0.00 ? 106 DG A "H3'"  1 
ATOM 188 H "H2'"  . DG A 1 6 ? 8.330   -1.339  -8.263  1.00 0.00 ? 106 DG A "H2'"  1 
ATOM 189 H "H2''" . DG A 1 6 ? 8.995   -2.911  -7.773  1.00 0.00 ? 106 DG A "H2''" 1 
ATOM 190 H "H1'"  . DG A 1 6 ? 8.795   -2.345  -5.425  1.00 0.00 ? 106 DG A "H1'"  1 
ATOM 191 H H8     . DG A 1 6 ? 6.060   -0.857  -7.879  1.00 0.00 ? 106 DG A H8     1 
ATOM 192 H H1     . DG A 1 6 ? 3.974   -4.740  -3.190  1.00 0.00 ? 106 DG A H1     1 
ATOM 193 H H21    . DG A 1 6 ? 5.864   -5.453  -2.060  1.00 0.00 ? 106 DG A H21    1 
ATOM 194 H H22    . DG A 1 6 ? 7.441   -4.780  -2.579  1.00 0.00 ? 106 DG A H22    1 
ATOM 195 P P      . DC A 1 7 ? 11.709  -3.370  -7.181  1.00 0.00 ? 107 DC A P      1 
ATOM 196 O OP1    . DC A 1 7 ? 13.139  -3.507  -6.838  1.00 0.00 ? 107 DC A OP1    1 
ATOM 197 O OP2    . DC A 1 7 ? 11.258  -3.545  -8.576  1.00 0.00 ? 107 DC A OP2    1 
ATOM 198 O "O5'"  . DC A 1 7 ? 10.875  -4.383  -6.238  1.00 0.00 ? 107 DC A "O5'"  1 
ATOM 199 C "C5'"  . DC A 1 7 ? 11.085  -4.399  -4.833  1.00 0.00 ? 107 DC A "C5'"  1 
ATOM 200 C "C4'"  . DC A 1 7 ? 10.353  -5.568  -4.156  1.00 0.00 ? 107 DC A "C4'"  1 
ATOM 201 O "O4'"  . DC A 1 7 ? 8.947   -5.448  -4.204  1.00 0.00 ? 107 DC A "O4'"  1 
ATOM 202 C "C3'"  . DC A 1 7 ? 10.742  -6.941  -4.714  1.00 0.00 ? 107 DC A "C3'"  1 
ATOM 203 O "O3'"  . DC A 1 7 ? 11.396  -7.737  -3.746  1.00 0.00 ? 107 DC A "O3'"  1 
ATOM 204 C "C2'"  . DC A 1 7 ? 9.409   -7.586  -5.053  1.00 0.00 ? 107 DC A "C2'"  1 
ATOM 205 C "C1'"  . DC A 1 7 ? 8.394   -6.740  -4.298  1.00 0.00 ? 107 DC A "C1'"  1 
ATOM 206 N N1     . DC A 1 7 ? 7.143   -6.629  -5.071  1.00 0.00 ? 107 DC A N1     1 
ATOM 207 C C2     . DC A 1 7 ? 5.995   -7.256  -4.600  1.00 0.00 ? 107 DC A C2     1 
ATOM 208 O O2     . DC A 1 7 ? 6.041   -8.005  -3.632  1.00 0.00 ? 107 DC A O2     1 
ATOM 209 N N3     . DC A 1 7 ? 4.807   -7.049  -5.226  1.00 0.00 ? 107 DC A N3     1 
ATOM 210 C C4     . DC A 1 7 ? 4.796   -6.323  -6.329  1.00 0.00 ? 107 DC A C4     1 
ATOM 211 N N4     . DC A 1 7 ? 3.595   -6.100  -6.767  1.00 0.00 ? 107 DC A N4     1 
ATOM 212 C C5     . DC A 1 7 ? 5.958   -5.735  -6.908  1.00 0.00 ? 107 DC A C5     1 
ATOM 213 C C6     . DC A 1 7 ? 7.122   -5.902  -6.233  1.00 0.00 ? 107 DC A C6     1 
ATOM 214 H "H5'"  . DC A 1 7 ? 10.739  -3.462  -4.390  1.00 0.00 ? 107 DC A "H5'"  1 
ATOM 215 H "H5''" . DC A 1 7 ? 12.149  -4.512  -4.614  1.00 0.00 ? 107 DC A "H5''" 1 
ATOM 216 H "H4'"  . DC A 1 7 ? 10.588  -5.543  -3.105  1.00 0.00 ? 107 DC A "H4'"  1 
ATOM 217 H "H3'"  . DC A 1 7 ? 11.359  -6.848  -5.607  1.00 0.00 ? 107 DC A "H3'"  1 
ATOM 218 H "HO3'" . DC A 1 7 ? 10.802  -7.863  -3.000  1.00 0.00 ? 107 DC A "HO3'" 1 
ATOM 219 H "H2'"  . DC A 1 7 ? 9.261   -7.522  -6.133  1.00 0.00 ? 107 DC A "H2'"  1 
ATOM 220 H "H2''" . DC A 1 7 ? 9.349   -8.619  -4.723  1.00 0.00 ? 107 DC A "H2''" 1 
ATOM 221 H "H1'"  . DC A 1 7 ? 8.278   -7.141  -3.289  1.00 0.00 ? 107 DC A "H1'"  1 
ATOM 222 H H41    . DC A 1 7 ? 2.911   -6.454  -6.130  1.00 0.00 ? 107 DC A H41    1 
ATOM 223 H H42    . DC A 1 7 ? 3.386   -5.522  -7.586  1.00 0.00 ? 107 DC A H42    1 
ATOM 224 H H5     . DC A 1 7 ? 5.927   -5.186  -7.834  1.00 0.00 ? 107 DC A H5     1 
ATOM 225 H H6     . DC A 1 7 ? 8.066   -5.470  -6.563  1.00 0.00 ? 107 DC A H6     1 
ATOM 226 O "O5'"  . DT B 1 1 ? -4.113  1.350   16.246  1.00 0.00 ? 201 DT B "O5'"  1 
ATOM 227 C "C5'"  . DT B 1 1 ? -3.432  2.342   15.502  1.00 0.00 ? 201 DT B "C5'"  1 
ATOM 228 C "C4'"  . DT B 1 1 ? -4.029  2.397   14.091  1.00 0.00 ? 201 DT B "C4'"  1 
ATOM 229 O "O4'"  . DT B 1 1 ? -3.437  3.386   13.260  1.00 0.00 ? 201 DT B "O4'"  1 
ATOM 230 C "C3'"  . DT B 1 1 ? -3.813  1.084   13.334  1.00 0.00 ? 201 DT B "C3'"  1 
ATOM 231 O "O3'"  . DT B 1 1 ? -4.868  0.201   13.635  1.00 0.00 ? 201 DT B "O3'"  1 
ATOM 232 C "C2'"  . DT B 1 1 ? -3.777  1.546   11.862  1.00 0.00 ? 201 DT B "C2'"  1 
ATOM 233 C "C1'"  . DT B 1 1 ? -3.822  3.080   11.930  1.00 0.00 ? 201 DT B "C1'"  1 
ATOM 234 N N1     . DT B 1 1 ? -2.902  3.683   10.930  1.00 0.00 ? 201 DT B N1     1 
ATOM 235 C C2     . DT B 1 1 ? -3.450  4.329   9.821   1.00 0.00 ? 201 DT B C2     1 
ATOM 236 O O2     . DT B 1 1 ? -4.648  4.488   9.650   1.00 0.00 ? 201 DT B O2     1 
ATOM 237 N N3     . DT B 1 1 ? -2.575  4.824   8.887   1.00 0.00 ? 201 DT B N3     1 
ATOM 238 C C4     . DT B 1 1 ? -1.204  4.791   8.980   1.00 0.00 ? 201 DT B C4     1 
ATOM 239 O O4     . DT B 1 1 ? -0.544  5.367   8.122   1.00 0.00 ? 201 DT B O4     1 
ATOM 240 C C5     . DT B 1 1 ? -0.684  4.059   10.141  1.00 0.00 ? 201 DT B C5     1 
ATOM 241 C C7     . DT B 1 1 ? 0.811   3.864   10.358  1.00 0.00 ? 201 DT B C7     1 
ATOM 242 C C6     . DT B 1 1 ? -1.541  3.540   11.060  1.00 0.00 ? 201 DT B C6     1 
ATOM 243 H "H5'"  . DT B 1 1 ? -2.368  2.100   15.455  1.00 0.00 ? 201 DT B "H5'"  1 
ATOM 244 H "H5''" . DT B 1 1 ? -3.552  3.307   15.996  1.00 0.00 ? 201 DT B "H5''" 1 
ATOM 245 H "H4'"  . DT B 1 1 ? -5.101  2.593   14.203  1.00 0.00 ? 201 DT B "H4'"  1 
ATOM 246 H "H3'"  . DT B 1 1 ? -2.853  0.657   13.660  1.00 0.00 ? 201 DT B "H3'"  1 
ATOM 247 H "H2'"  . DT B 1 1 ? -2.859  1.162   11.397  1.00 0.00 ? 201 DT B "H2'"  1 
ATOM 248 H "H2''" . DT B 1 1 ? -4.636  1.224   11.272  1.00 0.00 ? 201 DT B "H2''" 1 
ATOM 249 H "H1'"  . DT B 1 1 ? -4.843  3.455   11.797  1.00 0.00 ? 201 DT B "H1'"  1 
ATOM 250 H H3     . DT B 1 1 ? -2.983  5.249   8.065   1.00 0.00 ? 201 DT B H3     1 
ATOM 251 H H71    . DT B 1 1 ? 1.166   4.529   11.145  1.00 0.00 ? 201 DT B H71    1 
ATOM 252 H H72    . DT B 1 1 ? 1.034   2.829   10.628  1.00 0.00 ? 201 DT B H72    1 
ATOM 253 H H73    . DT B 1 1 ? 1.360   4.098   9.447   1.00 0.00 ? 201 DT B H73    1 
ATOM 254 H H6     . DT B 1 1 ? -1.170  2.991   11.915  1.00 0.00 ? 201 DT B H6     1 
ATOM 255 H "HO5'" . DT B 1 1 ? -4.378  0.643   15.642  1.00 0.00 ? 201 DT B "HO5'" 1 
ATOM 256 P P      . DG B 1 2 ? -4.953  -1.260  12.970  1.00 0.00 ? 202 DG B P      1 
ATOM 257 O OP1    . DG B 1 2 ? -5.828  -2.081  13.828  1.00 0.00 ? 202 DG B OP1    1 
ATOM 258 O OP2    . DG B 1 2 ? -3.571  -1.696  12.680  1.00 0.00 ? 202 DG B OP2    1 
ATOM 259 O "O5'"  . DG B 1 2 ? -5.713  -0.996  11.575  1.00 0.00 ? 202 DG B "O5'"  1 
ATOM 260 C "C5'"  . DG B 1 2 ? -6.999  -0.397  11.541  1.00 0.00 ? 202 DG B "C5'"  1 
ATOM 261 C "C4'"  . DG B 1 2 ? -7.510  -0.220  10.101  1.00 0.00 ? 202 DG B "C4'"  1 
ATOM 262 O "O4'"  . DG B 1 2 ? -6.621  0.579   9.323   1.00 0.00 ? 202 DG B "O4'"  1 
ATOM 263 C "C3'"  . DG B 1 2 ? -7.713  -1.554  9.359   1.00 0.00 ? 202 DG B "C3'"  1 
ATOM 264 O "O3'"  . DG B 1 2 ? -8.942  -1.488  8.663   1.00 0.00 ? 202 DG B "O3'"  1 
ATOM 265 C "C2'"  . DG B 1 2 ? -6.525  -1.545  8.410   1.00 0.00 ? 202 DG B "C2'"  1 
ATOM 266 C "C1'"  . DG B 1 2 ? -6.448  -0.062  8.077   1.00 0.00 ? 202 DG B "C1'"  1 
ATOM 267 N N9     . DG B 1 2 ? -5.151  0.335   7.498   1.00 0.00 ? 202 DG B N9     1 
ATOM 268 C C8     . DG B 1 2 ? -3.891  0.093   7.975   1.00 0.00 ? 202 DG B C8     1 
ATOM 269 N N7     . DG B 1 2 ? -2.951  0.813   7.421   1.00 0.00 ? 202 DG B N7     1 
ATOM 270 C C5     . DG B 1 2 ? -3.648  1.543   6.452   1.00 0.00 ? 202 DG B C5     1 
ATOM 271 C C6     . DG B 1 2 ? -3.218  2.517   5.493   1.00 0.00 ? 202 DG B C6     1 
ATOM 272 O O6     . DG B 1 2 ? -2.095  2.966   5.329   1.00 0.00 ? 202 DG B O6     1 
ATOM 273 N N1     . DG B 1 2 ? -4.221  2.990   4.674   1.00 0.00 ? 202 DG B N1     1 
ATOM 274 C C2     . DG B 1 2 ? -5.507  2.589   4.763   1.00 0.00 ? 202 DG B C2     1 
ATOM 275 N N2     . DG B 1 2 ? -6.345  3.077   3.891   1.00 0.00 ? 202 DG B N2     1 
ATOM 276 N N3     . DG B 1 2 ? -5.955  1.699   5.642   1.00 0.00 ? 202 DG B N3     1 
ATOM 277 C C4     . DG B 1 2 ? -4.982  1.214   6.462   1.00 0.00 ? 202 DG B C4     1 
ATOM 278 H "H5'"  . DG B 1 2 ? -6.964  0.589   12.008  1.00 0.00 ? 202 DG B "H5'"  1 
ATOM 279 H "H5''" . DG B 1 2 ? -7.713  -1.014  12.091  1.00 0.00 ? 202 DG B "H5''" 1 
ATOM 280 H "H4'"  . DG B 1 2 ? -8.466  0.303   10.157  1.00 0.00 ? 202 DG B "H4'"  1 
ATOM 281 H "H3'"  . DG B 1 2 ? -7.681  -2.416  10.028  1.00 0.00 ? 202 DG B "H3'"  1 
ATOM 282 H "H2'"  . DG B 1 2 ? -5.665  -1.905  8.968   1.00 0.00 ? 202 DG B "H2'"  1 
ATOM 283 H "H2''" . DG B 1 2 ? -6.650  -2.154  7.528   1.00 0.00 ? 202 DG B "H2''" 1 
ATOM 284 H "H1'"  . DG B 1 2 ? -7.274  0.204   7.414   1.00 0.00 ? 202 DG B "H1'"  1 
ATOM 285 H H8     . DG B 1 2 ? -3.697  -0.618  8.761   1.00 0.00 ? 202 DG B H8     1 
ATOM 286 H H1     . DG B 1 2 ? -3.937  3.684   4.005   1.00 0.00 ? 202 DG B H1     1 
ATOM 287 H H21    . DG B 1 2 ? -6.057  3.714   3.150   1.00 0.00 ? 202 DG B H21    1 
ATOM 288 H H22    . DG B 1 2 ? -7.274  2.702   3.948   1.00 0.00 ? 202 DG B H22    1 
ATOM 289 P P      . DG B 1 3 ? -9.502  -2.720  7.809   1.00 0.00 ? 203 DG B P      1 
ATOM 290 O OP1    . DG B 1 3 ? -10.951 -2.834  8.079   1.00 0.00 ? 203 DG B OP1    1 
ATOM 291 O OP2    . DG B 1 3 ? -8.612  -3.881  8.017   1.00 0.00 ? 203 DG B OP2    1 
ATOM 292 O "O5'"  . DG B 1 3 ? -9.302  -2.180  6.308   1.00 0.00 ? 203 DG B "O5'"  1 
ATOM 293 C "C5'"  . DG B 1 3 ? -10.159 -1.188  5.766   1.00 0.00 ? 203 DG B "C5'"  1 
ATOM 294 C "C4'"  . DG B 1 3 ? -9.856  -0.937  4.282   1.00 0.00 ? 203 DG B "C4'"  1 
ATOM 295 O "O4'"  . DG B 1 3 ? -8.625  -0.258  4.085   1.00 0.00 ? 203 DG B "O4'"  1 
ATOM 296 C "C3'"  . DG B 1 3 ? -9.838  -2.234  3.452   1.00 0.00 ? 203 DG B "C3'"  1 
ATOM 297 O "O3'"  . DG B 1 3 ? -10.901 -2.170  2.527   1.00 0.00 ? 203 DG B "O3'"  1 
ATOM 298 C "C2'"  . DG B 1 3 ? -8.439  -2.193  2.842   1.00 0.00 ? 203 DG B "C2'"  1 
ATOM 299 C "C1'"  . DG B 1 3 ? -8.056  -0.722  2.879   1.00 0.00 ? 203 DG B "C1'"  1 
ATOM 300 N N9     . DG B 1 3 ? -6.597  -0.563  3.005   1.00 0.00 ? 203 DG B N9     1 
ATOM 301 C C8     . DG B 1 3 ? -5.781  -1.095  3.969   1.00 0.00 ? 203 DG B C8     1 
ATOM 302 N N7     . DG B 1 3 ? -4.533  -0.720  3.891   1.00 0.00 ? 203 DG B N7     1 
ATOM 303 C C5     . DG B 1 3 ? -4.533  0.153   2.798   1.00 0.00 ? 203 DG B C5     1 
ATOM 304 C C6     . DG B 1 3 ? -3.495  0.946   2.209   1.00 0.00 ? 203 DG B C6     1 
ATOM 305 O O6     . DG B 1 3 ? -2.316  0.994   2.520   1.00 0.00 ? 203 DG B O6     1 
ATOM 306 N N1     . DG B 1 3 ? -3.911  1.745   1.167   1.00 0.00 ? 203 DG B N1     1 
ATOM 307 C C2     . DG B 1 3 ? -5.187  1.785   0.723   1.00 0.00 ? 203 DG B C2     1 
ATOM 308 N N2     . DG B 1 3 ? -5.421  2.494   -0.345  1.00 0.00 ? 203 DG B N2     1 
ATOM 309 N N3     . DG B 1 3 ? -6.174  1.044   1.214   1.00 0.00 ? 203 DG B N3     1 
ATOM 310 C C4     . DG B 1 3 ? -5.795  0.262   2.262   1.00 0.00 ? 203 DG B C4     1 
ATOM 311 H "H5'"  . DG B 1 3 ? -10.057 -0.252  6.319   1.00 0.00 ? 203 DG B "H5'"  1 
ATOM 312 H "H5''" . DG B 1 3 ? -11.198 -1.523  5.832   1.00 0.00 ? 203 DG B "H5''" 1 
ATOM 313 H "H4'"  . DG B 1 3 ? -10.626 -0.274  3.887   1.00 0.00 ? 203 DG B "H4'"  1 
ATOM 314 H "H3'"  . DG B 1 3 ? -9.922  -3.129  4.070   1.00 0.00 ? 203 DG B "H3'"  1 
ATOM 315 H "H2'"  . DG B 1 3 ? -7.813  -2.808  3.479   1.00 0.00 ? 203 DG B "H2'"  1 
ATOM 316 H "H2''" . DG B 1 3 ? -8.350  -2.583  1.845   1.00 0.00 ? 203 DG B "H2''" 1 
ATOM 317 H "H1'"  . DG B 1 3 ? -8.476  -0.219  1.995   1.00 0.00 ? 203 DG B "H1'"  1 
ATOM 318 H H8     . DG B 1 3 ? -6.157  -1.769  4.728   1.00 0.00 ? 203 DG B H8     1 
ATOM 319 H H1     . DG B 1 3 ? -3.190  2.292   0.730   1.00 0.00 ? 203 DG B H1     1 
ATOM 320 H H21    . DG B 1 3 ? -4.712  3.094   -0.765  1.00 0.00 ? 203 DG B H21    1 
ATOM 321 H H22    . DG B 1 3 ? -6.360  2.437   -0.691  1.00 0.00 ? 203 DG B H22    1 
ATOM 322 P P      . DT B 1 4 ? -11.078 -3.210  1.326   1.00 0.00 ? 204 DT B P      1 
ATOM 323 O OP1    . DT B 1 4 ? -12.488 -3.168  0.887   1.00 0.00 ? 204 DT B OP1    1 
ATOM 324 O OP2    . DT B 1 4 ? -10.443 -4.489  1.708   1.00 0.00 ? 204 DT B OP2    1 
ATOM 325 O "O5'"  . DT B 1 4 ? -10.175 -2.488  0.214   1.00 0.00 ? 204 DT B "O5'"  1 
ATOM 326 C "C5'"  . DT B 1 4 ? -10.413 -1.137  -0.139  1.00 0.00 ? 204 DT B "C5'"  1 
ATOM 327 C "C4'"  . DT B 1 4 ? -9.379  -0.646  -1.154  1.00 0.00 ? 204 DT B "C4'"  1 
ATOM 328 O "O4'"  . DT B 1 4 ? -8.037  -0.637  -0.686  1.00 0.00 ? 204 DT B "O4'"  1 
ATOM 329 C "C3'"  . DT B 1 4 ? -9.417  -1.437  -2.465  1.00 0.00 ? 204 DT B "C3'"  1 
ATOM 330 O "O3'"  . DT B 1 4 ? -9.746  -0.572  -3.533  1.00 0.00 ? 204 DT B "O3'"  1 
ATOM 331 C "C2'"  . DT B 1 4 ? -7.968  -1.913  -2.556  1.00 0.00 ? 204 DT B "C2'"  1 
ATOM 332 C "C1'"  . DT B 1 4 ? -7.194  -0.832  -1.807  1.00 0.00 ? 204 DT B "C1'"  1 
ATOM 333 N N1     . DT B 1 4 ? -5.819  -1.214  -1.341  1.00 0.00 ? 204 DT B N1     1 
ATOM 334 C C2     . DT B 1 4 ? -4.718  -0.444  -1.735  1.00 0.00 ? 204 DT B C2     1 
ATOM 335 O O2     . DT B 1 4 ? -4.788  0.430   -2.583  1.00 0.00 ? 204 DT B O2     1 
ATOM 336 N N3     . DT B 1 4 ? -3.501  -0.677  -1.114  1.00 0.00 ? 204 DT B N3     1 
ATOM 337 C C4     . DT B 1 4 ? -3.296  -1.588  -0.089  1.00 0.00 ? 204 DT B C4     1 
ATOM 338 O O4     . DT B 1 4 ? -2.190  -1.669  0.459   1.00 0.00 ? 204 DT B O4     1 
ATOM 339 C C5     . DT B 1 4 ? -4.480  -2.385  0.256   1.00 0.00 ? 204 DT B C5     1 
ATOM 340 C C7     . DT B 1 4 ? -4.412  -3.458  1.336   1.00 0.00 ? 204 DT B C7     1 
ATOM 341 C C6     . DT B 1 4 ? -5.669  -2.177  -0.373  1.00 0.00 ? 204 DT B C6     1 
ATOM 342 H "H5'"  . DT B 1 4 ? -10.367 -0.485  0.734   1.00 0.00 ? 204 DT B "H5'"  1 
ATOM 343 H "H5''" . DT B 1 4 ? -11.408 -1.042  -0.581  1.00 0.00 ? 204 DT B "H5''" 1 
ATOM 344 H "H4'"  . DT B 1 4 ? -9.587  0.391   -1.340  1.00 0.00 ? 204 DT B "H4'"  1 
ATOM 345 H "H3'"  . DT B 1 4 ? -10.118 -2.268  -2.391  1.00 0.00 ? 204 DT B "H3'"  1 
ATOM 346 H "H2'"  . DT B 1 4 ? -7.889  -2.870  -2.045  1.00 0.00 ? 204 DT B "H2'"  1 
ATOM 347 H "H2''" . DT B 1 4 ? -7.652  -1.997  -3.584  1.00 0.00 ? 204 DT B "H2''" 1 
ATOM 348 H "H1'"  . DT B 1 4 ? -7.183  0.057   -2.439  1.00 0.00 ? 204 DT B "H1'"  1 
ATOM 349 H H3     . DT B 1 4 ? -2.712  -0.113  -1.419  1.00 0.00 ? 204 DT B H3     1 
ATOM 350 H H71    . DT B 1 4 ? -4.514  -3.005  2.321   1.00 0.00 ? 204 DT B H71    1 
ATOM 351 H H72    . DT B 1 4 ? -5.183  -4.220  1.207   1.00 0.00 ? 204 DT B H72    1 
ATOM 352 H H73    . DT B 1 4 ? -3.444  -3.948  1.293   1.00 0.00 ? 204 DT B H73    1 
ATOM 353 H H6     . DT B 1 4 ? -6.544  -2.758  -0.112  1.00 0.00 ? 204 DT B H6     1 
ATOM 354 P P      . DG B 1 5 ? -10.044 -1.141  -5.003  1.00 0.00 ? 205 DG B P      1 
ATOM 355 O OP1    . DG B 1 5 ? -11.175 -0.374  -5.565  1.00 0.00 ? 205 DG B OP1    1 
ATOM 356 O OP2    . DG B 1 5 ? -10.108 -2.616  -4.933  1.00 0.00 ? 205 DG B OP2    1 
ATOM 357 O "O5'"  . DG B 1 5 ? -8.708  -0.745  -5.804  1.00 0.00 ? 205 DG B "O5'"  1 
ATOM 358 C "C5'"  . DG B 1 5 ? -8.489  0.577   -6.267  1.00 0.00 ? 205 DG B "C5'"  1 
ATOM 359 C "C4'"  . DG B 1 5 ? -7.346  0.605   -7.292  1.00 0.00 ? 205 DG B "C4'"  1 
ATOM 360 O "O4'"  . DG B 1 5 ? -6.064  0.449   -6.690  1.00 0.00 ? 205 DG B "O4'"  1 
ATOM 361 C "C3'"  . DG B 1 5 ? -7.523  -0.479  -8.365  1.00 0.00 ? 205 DG B "C3'"  1 
ATOM 362 O "O3'"  . DG B 1 5 ? -7.445  0.153   -9.621  1.00 0.00 ? 205 DG B "O3'"  1 
ATOM 363 C "C2'"  . DG B 1 5 ? -6.379  -1.429  -8.009  1.00 0.00 ? 205 DG B "C2'"  1 
ATOM 364 C "C1'"  . DG B 1 5 ? -5.317  -0.531  -7.388  1.00 0.00 ? 205 DG B "C1'"  1 
ATOM 365 N N9     . DG B 1 5 ? -4.537  -1.244  -6.331  1.00 0.00 ? 205 DG B N9     1 
ATOM 366 C C8     . DG B 1 5 ? -5.004  -2.075  -5.325  1.00 0.00 ? 205 DG B C8     1 
ATOM 367 N N7     . DG B 1 5 ? -4.117  -2.418  -4.433  1.00 0.00 ? 205 DG B N7     1 
ATOM 368 C C5     . DG B 1 5 ? -2.973  -1.744  -4.854  1.00 0.00 ? 205 DG B C5     1 
ATOM 369 C C6     . DG B 1 5 ? -1.670  -1.656  -4.268  1.00 0.00 ? 205 DG B C6     1 
ATOM 370 O O6     . DG B 1 5 ? -1.255  -2.230  -3.270  1.00 0.00 ? 205 DG B O6     1 
ATOM 371 N N1     . DG B 1 5 ? -0.807  -0.808  -4.926  1.00 0.00 ? 205 DG B N1     1 
ATOM 372 C C2     . DG B 1 5 ? -1.156  -0.104  -6.027  1.00 0.00 ? 205 DG B C2     1 
ATOM 373 N N2     . DG B 1 5 ? -0.228  0.651   -6.551  1.00 0.00 ? 205 DG B N2     1 
ATOM 374 N N3     . DG B 1 5 ? -2.344  -0.177  -6.625  1.00 0.00 ? 205 DG B N3     1 
ATOM 375 C C4     . DG B 1 5 ? -3.223  -1.007  -5.991  1.00 0.00 ? 205 DG B C4     1 
ATOM 376 H "H5'"  . DG B 1 5 ? -8.267  1.248   -5.436  1.00 0.00 ? 205 DG B "H5'"  1 
ATOM 377 H "H5''" . DG B 1 5 ? -9.379  0.948   -6.782  1.00 0.00 ? 205 DG B "H5''" 1 
ATOM 378 H "H4'"  . DG B 1 5 ? -7.357  1.585   -7.764  1.00 0.00 ? 205 DG B "H4'"  1 
ATOM 379 H "H3'"  . DG B 1 5 ? -8.489  -0.984  -8.307  1.00 0.00 ? 205 DG B "H3'"  1 
ATOM 380 H "H2'"  . DG B 1 5 ? -6.762  -2.138  -7.291  1.00 0.00 ? 205 DG B "H2'"  1 
ATOM 381 H "H2''" . DG B 1 5 ? -5.999  -2.003  -8.837  1.00 0.00 ? 205 DG B "H2''" 1 
ATOM 382 H "H1'"  . DG B 1 5 ? -4.742  -0.098  -8.239  1.00 0.00 ? 205 DG B "H1'"  1 
ATOM 383 H H8     . DG B 1 5 ? -6.017  -2.442  -5.212  1.00 0.00 ? 205 DG B H8     1 
ATOM 384 H H1     . DG B 1 5 ? 0.109   -0.724  -4.518  1.00 0.00 ? 205 DG B H1     1 
ATOM 385 H H21    . DG B 1 5 ? 0.715   0.704   -6.171  1.00 0.00 ? 205 DG B H21    1 
ATOM 386 H H22    . DG B 1 5 ? -0.481  1.073   -7.426  1.00 0.00 ? 205 DG B H22    1 
ATOM 387 P P      . DG B 1 6 ? -7.256  -0.647  -10.983 1.00 0.00 ? 206 DG B P      1 
ATOM 388 O OP1    . DG B 1 6 ? -7.850  0.140   -12.084 1.00 0.00 ? 206 DG B OP1    1 
ATOM 389 O OP2    . DG B 1 6 ? -7.619  -2.066  -10.780 1.00 0.00 ? 206 DG B OP2    1 
ATOM 390 O "O5'"  . DG B 1 6 ? -5.666  -0.505  -11.046 1.00 0.00 ? 206 DG B "O5'"  1 
ATOM 391 C "C5'"  . DG B 1 6 ? -5.055  0.773   -11.152 1.00 0.00 ? 206 DG B "C5'"  1 
ATOM 392 C "C4'"  . DG B 1 6 ? -3.536  0.621   -11.265 1.00 0.00 ? 206 DG B "C4'"  1 
ATOM 393 O "O4'"  . DG B 1 6 ? -2.966  0.102   -10.070 1.00 0.00 ? 206 DG B "O4'"  1 
ATOM 394 C "C3'"  . DG B 1 6 ? -3.187  -0.355  -12.401 1.00 0.00 ? 206 DG B "C3'"  1 
ATOM 395 O "O3'"  . DG B 1 6 ? -2.225  0.253   -13.241 1.00 0.00 ? 206 DG B "O3'"  1 
ATOM 396 C "C2'"  . DG B 1 6 ? -2.684  -1.569  -11.647 1.00 0.00 ? 206 DG B "C2'"  1 
ATOM 397 C "C1'"  . DG B 1 6 ? -2.049  -0.898  -10.452 1.00 0.00 ? 206 DG B "C1'"  1 
ATOM 398 N N9     . DG B 1 6 ? -1.865  -1.859  -9.358  1.00 0.00 ? 206 DG B N9     1 
ATOM 399 C C8     . DG B 1 6 ? -2.749  -2.753  -8.811  1.00 0.00 ? 206 DG B C8     1 
ATOM 400 N N7     . DG B 1 6 ? -2.252  -3.452  -7.827  1.00 0.00 ? 206 DG B N7     1 
ATOM 401 C C5     . DG B 1 6 ? -0.940  -2.987  -7.724  1.00 0.00 ? 206 DG B C5     1 
ATOM 402 C C6     . DG B 1 6 ? 0.146   -3.340  -6.859  1.00 0.00 ? 206 DG B C6     1 
ATOM 403 O O6     . DG B 1 6 ? 0.174   -4.223  -6.016  1.00 0.00 ? 206 DG B O6     1 
ATOM 404 N N1     . DG B 1 6 ? 1.286   -2.585  -7.044  1.00 0.00 ? 206 DG B N1     1 
ATOM 405 C C2     . DG B 1 6 ? 1.389   -1.623  -7.993  1.00 0.00 ? 206 DG B C2     1 
ATOM 406 N N2     . DG B 1 6 ? 2.556   -1.098  -8.209  1.00 0.00 ? 206 DG B N2     1 
ATOM 407 N N3     . DG B 1 6 ? 0.434   -1.304  -8.848  1.00 0.00 ? 206 DG B N3     1 
ATOM 408 C C4     . DG B 1 6 ? -0.710  -2.005  -8.653  1.00 0.00 ? 206 DG B C4     1 
ATOM 409 H "H5'"  . DG B 1 6 ? -5.298  1.428   -10.313 1.00 0.00 ? 206 DG B "H5'"  1 
ATOM 410 H "H5''" . DG B 1 6 ? -5.408  1.266   -12.053 1.00 0.00 ? 206 DG B "H5''" 1 
ATOM 411 H "H4'"  . DG B 1 6 ? -3.105  1.606   -11.455 1.00 0.00 ? 206 DG B "H4'"  1 
ATOM 412 H "H3'"  . DG B 1 6 ? -4.077  -0.665  -12.927 1.00 0.00 ? 206 DG B "H3'"  1 
ATOM 413 H "H2'"  . DG B 1 6 ? -3.546  -2.170  -11.355 1.00 0.00 ? 206 DG B "H2'"  1 
ATOM 414 H "H2''" . DG B 1 6 ? -1.991  -2.176  -12.212 1.00 0.00 ? 206 DG B "H2''" 1 
ATOM 415 H "H1'"  . DG B 1 6 ? -1.104  -0.447  -10.771 1.00 0.00 ? 206 DG B "H1'"  1 
ATOM 416 H H8     . DG B 1 6 ? -3.772  -2.871  -9.143  1.00 0.00 ? 206 DG B H8     1 
ATOM 417 H H1     . DG B 1 6 ? 2.065   -2.829  -6.455  1.00 0.00 ? 206 DG B H1     1 
ATOM 418 H H21    . DG B 1 6 ? 3.359   -1.412  -7.677  1.00 0.00 ? 206 DG B H21    1 
ATOM 419 H H22    . DG B 1 6 ? 2.599   -0.459  -8.980  1.00 0.00 ? 206 DG B H22    1 
ATOM 420 P P      . DC B 1 7 ? -1.518  -0.509  -14.464 1.00 0.00 ? 207 DC B P      1 
ATOM 421 O OP1    . DC B 1 7 ? -1.243  0.476   -15.529 1.00 0.00 ? 207 DC B OP1    1 
ATOM 422 O OP2    . DC B 1 7 ? -2.270  -1.745  -14.763 1.00 0.00 ? 207 DC B OP2    1 
ATOM 423 O "O5'"  . DC B 1 7 ? -0.117  -0.915  -13.789 1.00 0.00 ? 207 DC B "O5'"  1 
ATOM 424 C "C5'"  . DC B 1 7 ? 0.796   0.086   -13.366 1.00 0.00 ? 207 DC B "C5'"  1 
ATOM 425 C "C4'"  . DC B 1 7 ? 2.069   -0.544  -12.788 1.00 0.00 ? 207 DC B "C4'"  1 
ATOM 426 O "O4'"  . DC B 1 7 ? 1.816   -1.308  -11.631 1.00 0.00 ? 207 DC B "O4'"  1 
ATOM 427 C "C3'"  . DC B 1 7 ? 2.824   -1.438  -13.775 1.00 0.00 ? 207 DC B "C3'"  1 
ATOM 428 O "O3'"  . DC B 1 7 ? 3.971   -0.796  -14.292 1.00 0.00 ? 207 DC B "O3'"  1 
ATOM 429 C "C2'"  . DC B 1 7 ? 3.252   -2.630  -12.923 1.00 0.00 ? 207 DC B "C2'"  1 
ATOM 430 C "C1'"  . DC B 1 7 ? 2.861   -2.242  -11.498 1.00 0.00 ? 207 DC B "C1'"  1 
ATOM 431 N N1     . DC B 1 7 ? 2.325   -3.402  -10.760 1.00 0.00 ? 207 DC B N1     1 
ATOM 432 C C2     . DC B 1 7 ? 3.039   -3.911  -9.682  1.00 0.00 ? 207 DC B C2     1 
ATOM 433 O O2     . DC B 1 7 ? 4.167   -3.512  -9.421  1.00 0.00 ? 207 DC B O2     1 
ATOM 434 N N3     . DC B 1 7 ? 2.478   -4.868  -8.899  1.00 0.00 ? 207 DC B N3     1 
ATOM 435 C C4     . DC B 1 7 ? 1.299   -5.361  -9.233  1.00 0.00 ? 207 DC B C4     1 
ATOM 436 N N4     . DC B 1 7 ? 0.782   -6.114  -8.308  1.00 0.00 ? 207 DC B N4     1 
ATOM 437 C C5     . DC B 1 7 ? 0.555   -4.922  -10.366 1.00 0.00 ? 207 DC B C5     1 
ATOM 438 C C6     . DC B 1 7 ? 1.104   -3.924  -11.101 1.00 0.00 ? 207 DC B C6     1 
ATOM 439 H "H5'"  . DC B 1 7 ? 0.340   0.716   -12.597 1.00 0.00 ? 207 DC B "H5'"  1 
ATOM 440 H "H5''" . DC B 1 7 ? 1.079   0.718   -14.211 1.00 0.00 ? 207 DC B "H5''" 1 
ATOM 441 H "H4'"  . DC B 1 7 ? 2.734   0.238   -12.464 1.00 0.00 ? 207 DC B "H4'"  1 
ATOM 442 H "H3'"  . DC B 1 7 ? 2.171   -1.748  -14.591 1.00 0.00 ? 207 DC B "H3'"  1 
ATOM 443 H "HO3'" . DC B 1 7 ? 4.529   -0.535  -13.557 1.00 0.00 ? 207 DC B "HO3'" 1 
ATOM 444 H "H2'"  . DC B 1 7 ? 2.699   -3.509  -13.261 1.00 0.00 ? 207 DC B "H2'"  1 
ATOM 445 H "H2''" . DC B 1 7 ? 4.325   -2.819  -12.966 1.00 0.00 ? 207 DC B "H2''" 1 
ATOM 446 H "H1'"  . DC B 1 7 ? 3.703   -1.742  -11.014 1.00 0.00 ? 207 DC B "H1'"  1 
ATOM 447 H H41    . DC B 1 7 ? 1.284   -6.022  -7.447  1.00 0.00 ? 207 DC B H41    1 
ATOM 448 H H42    . DC B 1 7 ? -0.171  -6.489  -8.368  1.00 0.00 ? 207 DC B H42    1 
ATOM 449 H H5     . DC B 1 7 ? -0.402  -5.339  -10.632 1.00 0.00 ? 207 DC B H5     1 
ATOM 450 H H6     . DC B 1 7 ? 0.600   -3.493  -11.965 1.00 0.00 ? 207 DC B H6     1 
ATOM 451 O "O5'"  . DT C 1 1 ? -0.573  16.325  -0.689  1.00 0.00 ? 401 DT C "O5'"  1 
ATOM 452 C "C5'"  . DT C 1 1 ? -1.118  15.507  0.329   1.00 0.00 ? 401 DT C "C5'"  1 
ATOM 453 C "C4'"  . DT C 1 1 ? -0.342  14.189  0.422   1.00 0.00 ? 401 DT C "C4'"  1 
ATOM 454 O "O4'"  . DT C 1 1 ? -0.814  13.348  1.470   1.00 0.00 ? 401 DT C "O4'"  1 
ATOM 455 C "C3'"  . DT C 1 1 ? -0.516  13.290  -0.823  1.00 0.00 ? 401 DT C "C3'"  1 
ATOM 456 O "O3'"  . DT C 1 1 ? 0.247   13.547  -1.990  1.00 0.00 ? 401 DT C "O3'"  1 
ATOM 457 C "C2'"  . DT C 1 1 ? -0.265  11.875  -0.270  1.00 0.00 ? 401 DT C "C2'"  1 
ATOM 458 C "C1'"  . DT C 1 1 ? -0.228  12.070  1.261   1.00 0.00 ? 401 DT C "C1'"  1 
ATOM 459 N N1     . DT C 1 1 ? -0.978  11.009  1.985   1.00 0.00 ? 401 DT C N1     1 
ATOM 460 C C2     . DT C 1 1 ? -0.287  10.208  2.893   1.00 0.00 ? 401 DT C C2     1 
ATOM 461 O O2     . DT C 1 1 ? 0.905   10.313  3.112   1.00 0.00 ? 401 DT C O2     1 
ATOM 462 N N3     . DT C 1 1 ? -1.002  9.258   3.581   1.00 0.00 ? 401 DT C N3     1 
ATOM 463 C C4     . DT C 1 1 ? -2.352  9.029   3.439   1.00 0.00 ? 401 DT C C4     1 
ATOM 464 O O4     . DT C 1 1 ? -2.882  8.192   4.162   1.00 0.00 ? 401 DT C O4     1 
ATOM 465 C C5     . DT C 1 1 ? -3.016  9.853   2.423   1.00 0.00 ? 401 DT C C5     1 
ATOM 466 C C7     . DT C 1 1 ? -4.480  9.639   2.059   1.00 0.00 ? 401 DT C C7     1 
ATOM 467 C C6     . DT C 1 1 ? -2.319  10.809  1.754   1.00 0.00 ? 401 DT C C6     1 
ATOM 468 H "H5'"  . DT C 1 1 ? -2.173  15.320  0.124   1.00 0.00 ? 401 DT C "H5'"  1 
ATOM 469 H "H5''" . DT C 1 1 ? -1.034  16.036  1.281   1.00 0.00 ? 401 DT C "H5''" 1 
ATOM 470 H "H4'"  . DT C 1 1 ? 0.695   14.462  0.655   1.00 0.00 ? 401 DT C "H4'"  1 
ATOM 471 H "H3'"  . DT C 1 1 ? -1.570  13.374  -1.150  1.00 0.00 ? 401 DT C "H3'"  1 
ATOM 472 H "H2'"  . DT C 1 1 ? -1.046  11.181  -0.624  1.00 0.00 ? 401 DT C "H2'"  1 
ATOM 473 H "H2''" . DT C 1 1 ? 0.705   11.485  -0.577  1.00 0.00 ? 401 DT C "H2''" 1 
ATOM 474 H "H1'"  . DT C 1 1 ? 0.803   12.130  1.633   1.00 0.00 ? 401 DT C "H1'"  1 
ATOM 475 H H3     . DT C 1 1 ? -0.502  8.716   4.274   1.00 0.00 ? 401 DT C H3     1 
ATOM 476 H H71    . DT C 1 1 ? -4.795  8.633   2.339   1.00 0.00 ? 401 DT C H71    1 
ATOM 477 H H72    . DT C 1 1 ? -5.101  10.361  2.588   1.00 0.00 ? 401 DT C H72    1 
ATOM 478 H H73    . DT C 1 1 ? -4.636  9.751   0.984   1.00 0.00 ? 401 DT C H73    1 
ATOM 479 H H6     . DT C 1 1 ? -2.812  11.439  1.025   1.00 0.00 ? 401 DT C H6     1 
ATOM 480 H "HO5'" . DT C 1 1 ? 0.350   16.054  -0.851  1.00 0.00 ? 401 DT C "HO5'" 1 
ATOM 481 P P      . DG C 1 2 ? 1.778   14.044  -1.994  1.00 0.00 ? 402 DG C P      1 
ATOM 482 O OP1    . DG C 1 2 ? 1.814   15.301  -1.211  1.00 0.00 ? 402 DG C OP1    1 
ATOM 483 O OP2    . DG C 1 2 ? 2.238   14.049  -3.396  1.00 0.00 ? 402 DG C OP2    1 
ATOM 484 O "O5'"  . DG C 1 2 ? 2.599   12.897  -1.208  1.00 0.00 ? 402 DG C "O5'"  1 
ATOM 485 C "C5'"  . DG C 1 2 ? 3.452   13.199  -0.117  1.00 0.00 ? 402 DG C "C5'"  1 
ATOM 486 C "C4'"  . DG C 1 2 ? 4.214   11.956  0.384   1.00 0.00 ? 402 DG C "C4'"  1 
ATOM 487 O "O4'"  . DG C 1 2 ? 3.342   10.964  0.920   1.00 0.00 ? 402 DG C "O4'"  1 
ATOM 488 C "C3'"  . DG C 1 2 ? 5.084   11.272  -0.692  1.00 0.00 ? 402 DG C "C3'"  1 
ATOM 489 O "O3'"  . DG C 1 2 ? 6.383   11.077  -0.165  1.00 0.00 ? 402 DG C "O3'"  1 
ATOM 490 C "C2'"  . DG C 1 2 ? 4.345   9.953   -0.874  1.00 0.00 ? 402 DG C "C2'"  1 
ATOM 491 C "C1'"  . DG C 1 2 ? 3.862   9.704   0.546   1.00 0.00 ? 402 DG C "C1'"  1 
ATOM 492 N N9     . DG C 1 2 ? 2.795   8.692   0.652   1.00 0.00 ? 402 DG C N9     1 
ATOM 493 C C8     . DG C 1 2 ? 1.625   8.617   -0.055  1.00 0.00 ? 402 DG C C8     1 
ATOM 494 N N7     . DG C 1 2 ? 0.696   7.890   0.505   1.00 0.00 ? 402 DG C N7     1 
ATOM 495 C C5     . DG C 1 2 ? 1.352   7.357   1.620   1.00 0.00 ? 402 DG C C5     1 
ATOM 496 C C6     . DG C 1 2 ? 0.918   6.447   2.637   1.00 0.00 ? 402 DG C C6     1 
ATOM 497 O O6     . DG C 1 2 ? -0.203  5.997   2.814   1.00 0.00 ? 402 DG C O6     1 
ATOM 498 N N1     . DG C 1 2 ? 1.910   6.059   3.512   1.00 0.00 ? 402 DG C N1     1 
ATOM 499 C C2     . DG C 1 2 ? 3.179   6.520   3.455   1.00 0.00 ? 402 DG C C2     1 
ATOM 500 N N2     . DG C 1 2 ? 4.021   6.042   4.331   1.00 0.00 ? 402 DG C N2     1 
ATOM 501 N N3     . DG C 1 2 ? 3.616   7.398   2.559   1.00 0.00 ? 402 DG C N3     1 
ATOM 502 C C4     . DG C 1 2 ? 2.658   7.782   1.666   1.00 0.00 ? 402 DG C C4     1 
ATOM 503 H "H5'"  . DG C 1 2 ? 2.872   13.606  0.713   1.00 0.00 ? 402 DG C "H5'"  1 
ATOM 504 H "H5''" . DG C 1 2 ? 4.191   13.944  -0.423  1.00 0.00 ? 402 DG C "H5''" 1 
ATOM 505 H "H4'"  . DG C 1 2 ? 4.855   12.282  1.201   1.00 0.00 ? 402 DG C "H4'"  1 
ATOM 506 H "H3'"  . DG C 1 2 ? 5.115   11.836  -1.626  1.00 0.00 ? 402 DG C "H3'"  1 
ATOM 507 H "H2'"  . DG C 1 2 ? 3.533   10.140  -1.574  1.00 0.00 ? 402 DG C "H2'"  1 
ATOM 508 H "H2''" . DG C 1 2 ? 4.961   9.143   -1.240  1.00 0.00 ? 402 DG C "H2''" 1 
ATOM 509 H "H1'"  . DG C 1 2 ? 4.714   9.440   1.178   1.00 0.00 ? 402 DG C "H1'"  1 
ATOM 510 H H8     . DG C 1 2 ? 1.480   9.140   -0.983  1.00 0.00 ? 402 DG C H8     1 
ATOM 511 H H1     . DG C 1 2 ? 1.616   5.446   4.251   1.00 0.00 ? 402 DG C H1     1 
ATOM 512 H H21    . DG C 1 2 ? 3.768   5.304   4.987   1.00 0.00 ? 402 DG C H21    1 
ATOM 513 H H22    . DG C 1 2 ? 4.964   6.362   4.217   1.00 0.00 ? 402 DG C H22    1 
ATOM 514 P P      . DG C 1 3 ? 7.551   10.379  -1.014  1.00 0.00 ? 403 DG C P      1 
ATOM 515 O OP1    . DG C 1 3 ? 8.818   11.071  -0.695  1.00 0.00 ? 403 DG C OP1    1 
ATOM 516 O OP2    . DG C 1 3 ? 7.104   10.257  -2.416  1.00 0.00 ? 403 DG C OP2    1 
ATOM 517 O "O5'"  . DG C 1 3 ? 7.592   8.910   -0.358  1.00 0.00 ? 403 DG C "O5'"  1 
ATOM 518 C "C5'"  . DG C 1 3 ? 8.185   8.691   0.914   1.00 0.00 ? 403 DG C "C5'"  1 
ATOM 519 C "C4'"  . DG C 1 3 ? 8.199   7.201   1.291   1.00 0.00 ? 403 DG C "C4'"  1 
ATOM 520 O "O4'"  . DG C 1 3 ? 6.908   6.701   1.612   1.00 0.00 ? 403 DG C "O4'"  1 
ATOM 521 C "C3'"  . DG C 1 3 ? 8.802   6.305   0.193   1.00 0.00 ? 403 DG C "C3'"  1 
ATOM 522 O "O3'"  . DG C 1 3 ? 10.008  5.766   0.690   1.00 0.00 ? 403 DG C "O3'"  1 
ATOM 523 C "C2'"  . DG C 1 3 ? 7.680   5.294   -0.037  1.00 0.00 ? 403 DG C "C2'"  1 
ATOM 524 C "C1'"  . DG C 1 3 ? 6.869   5.337   1.248   1.00 0.00 ? 403 DG C "C1'"  1 
ATOM 525 N N9     . DG C 1 3 ? 5.459   4.998   0.991   1.00 0.00 ? 403 DG C N9     1 
ATOM 526 C C8     . DG C 1 3 ? 4.619   5.580   0.079   1.00 0.00 ? 403 DG C C8     1 
ATOM 527 N N7     . DG C 1 3 ? 3.394   5.129   0.103   1.00 0.00 ? 403 DG C N7     1 
ATOM 528 C C5     . DG C 1 3 ? 3.424   4.191   1.141   1.00 0.00 ? 403 DG C C5     1 
ATOM 529 C C6     . DG C 1 3 ? 2.400   3.370   1.712   1.00 0.00 ? 403 DG C C6     1 
ATOM 530 O O6     . DG C 1 3 ? 1.233   3.273   1.368   1.00 0.00 ? 403 DG C O6     1 
ATOM 531 N N1     . DG C 1 3 ? 2.814   2.604   2.778   1.00 0.00 ? 403 DG C N1     1 
ATOM 532 C C2     . DG C 1 3 ? 4.077   2.612   3.257   1.00 0.00 ? 403 DG C C2     1 
ATOM 533 N N2     . DG C 1 3 ? 4.366   1.733   4.175   1.00 0.00 ? 403 DG C N2     1 
ATOM 534 N N3     . DG C 1 3 ? 5.067   3.335   2.742   1.00 0.00 ? 403 DG C N3     1 
ATOM 535 C C4     . DG C 1 3 ? 4.681   4.118   1.697   1.00 0.00 ? 403 DG C C4     1 
ATOM 536 H "H5'"  . DG C 1 3 ? 7.649   9.250   1.684   1.00 0.00 ? 403 DG C "H5'"  1 
ATOM 537 H "H5''" . DG C 1 3 ? 9.223   9.030   0.895   1.00 0.00 ? 403 DG C "H5''" 1 
ATOM 538 H "H4'"  . DG C 1 3 ? 8.787   7.090   2.203   1.00 0.00 ? 403 DG C "H4'"  1 
ATOM 539 H "H3'"  . DG C 1 3 ? 8.976   6.844   -0.739  1.00 0.00 ? 403 DG C "H3'"  1 
ATOM 540 H "H2'"  . DG C 1 3 ? 7.131   5.650   -0.899  1.00 0.00 ? 403 DG C "H2'"  1 
ATOM 541 H "H2''" . DG C 1 3 ? 7.986   4.288   -0.261  1.00 0.00 ? 403 DG C "H2''" 1 
ATOM 542 H "H1'"  . DG C 1 3 ? 7.344   4.682   1.994   1.00 0.00 ? 403 DG C "H1'"  1 
ATOM 543 H H8     . DG C 1 3 ? 4.955   6.351   -0.601  1.00 0.00 ? 403 DG C H8     1 
ATOM 544 H H1     . DG C 1 3 ? 2.113   2.003   3.173   1.00 0.00 ? 403 DG C H1     1 
ATOM 545 H H21    . DG C 1 3 ? 3.664   1.115   4.580   1.00 0.00 ? 403 DG C H21    1 
ATOM 546 H H22    . DG C 1 3 ? 5.333   1.703   4.437   1.00 0.00 ? 403 DG C H22    1 
ATOM 547 P P      . DT C 1 4 ? 10.812  4.599   -0.051  1.00 0.00 ? 404 DT C P      1 
ATOM 548 O OP1    . DT C 1 4 ? 12.201  4.606   0.453   1.00 0.00 ? 404 DT C OP1    1 
ATOM 549 O OP2    . DT C 1 4 ? 10.534  4.674   -1.500  1.00 0.00 ? 404 DT C OP2    1 
ATOM 550 O "O5'"  . DT C 1 4 ? 10.058  3.324   0.560   1.00 0.00 ? 404 DT C "O5'"  1 
ATOM 551 C "C5'"  . DT C 1 4 ? 9.955   3.148   1.962   1.00 0.00 ? 404 DT C "C5'"  1 
ATOM 552 C "C4'"  . DT C 1 4 ? 9.117   1.908   2.284   1.00 0.00 ? 404 DT C "C4'"  1 
ATOM 553 O "O4'"  . DT C 1 4 ? 7.758   1.993   1.876   1.00 0.00 ? 404 DT C "O4'"  1 
ATOM 554 C "C3'"  . DT C 1 4 ? 9.711   0.626   1.689   1.00 0.00 ? 404 DT C "C3'"  1 
ATOM 555 O "O3'"  . DT C 1 4 ? 10.006  -0.311  2.707   1.00 0.00 ? 404 DT C "O3'"  1 
ATOM 556 C "C2'"  . DT C 1 4 ? 8.538   0.143   0.840   1.00 0.00 ? 404 DT C "C2'"  1 
ATOM 557 C "C1'"  . DT C 1 4 ? 7.323   0.676   1.595   1.00 0.00 ? 404 DT C "C1'"  1 
ATOM 558 N N1     . DT C 1 4 ? 6.047   0.709   0.806   1.00 0.00 ? 404 DT C N1     1 
ATOM 559 C C2     . DT C 1 4 ? 4.910   0.052   1.290   1.00 0.00 ? 404 DT C C2     1 
ATOM 560 O O2     . DT C 1 4 ? 4.924   -0.646  2.290   1.00 0.00 ? 404 DT C O2     1 
ATOM 561 N N3     . DT C 1 4 ? 3.712   0.230   0.613   1.00 0.00 ? 404 DT C N3     1 
ATOM 562 C C4     . DT C 1 4 ? 3.543   1.063   -0.486  1.00 0.00 ? 404 DT C C4     1 
ATOM 563 O O4     . DT C 1 4 ? 2.424   1.211   -0.987  1.00 0.00 ? 404 DT C O4     1 
ATOM 564 C C5     . DT C 1 4 ? 4.782   1.710   -0.952  1.00 0.00 ? 404 DT C C5     1 
ATOM 565 C C7     . DT C 1 4 ? 4.797   2.603   -2.188  1.00 0.00 ? 404 DT C C7     1 
ATOM 566 C C6     . DT C 1 4 ? 5.960   1.505   -0.306  1.00 0.00 ? 404 DT C C6     1 
ATOM 567 H "H5'"  . DT C 1 4 ? 9.487   4.009   2.441   1.00 0.00 ? 404 DT C "H5'"  1 
ATOM 568 H "H5''" . DT C 1 4 ? 10.952  3.017   2.391   1.00 0.00 ? 404 DT C "H5''" 1 
ATOM 569 H "H4'"  . DT C 1 4 ? 9.056   1.832   3.353   1.00 0.00 ? 404 DT C "H4'"  1 
ATOM 570 H "H3'"  . DT C 1 4 ? 10.592  0.850   1.089   1.00 0.00 ? 404 DT C "H3'"  1 
ATOM 571 H "H2'"  . DT C 1 4 ? 8.625   0.593   -0.145  1.00 0.00 ? 404 DT C "H2'"  1 
ATOM 572 H "H2''" . DT C 1 4 ? 8.521   -0.931  0.764   1.00 0.00 ? 404 DT C "H2''" 1 
ATOM 573 H "H1'"  . DT C 1 4 ? 7.229   0.101   2.518   1.00 0.00 ? 404 DT C "H1'"  1 
ATOM 574 H H3     . DT C 1 4 ? 2.902   -0.271  0.968   1.00 0.00 ? 404 DT C H3     1 
ATOM 575 H H71    . DT C 1 4 ? 5.771   2.601   -2.683  1.00 0.00 ? 404 DT C H71    1 
ATOM 576 H H72    . DT C 1 4 ? 4.066   2.240   -2.903  1.00 0.00 ? 404 DT C H72    1 
ATOM 577 H H73    . DT C 1 4 ? 4.532   3.624   -1.921  1.00 0.00 ? 404 DT C H73    1 
ATOM 578 H H6     . DT C 1 4 ? 6.870   1.978   -0.651  1.00 0.00 ? 404 DT C H6     1 
ATOM 579 P P      . DG C 1 5 ? 10.784  -1.677  2.373   1.00 0.00 ? 405 DG C P      1 
ATOM 580 O OP1    . DG C 1 5 ? 11.827  -1.868  3.401   1.00 0.00 ? 405 DG C OP1    1 
ATOM 581 O OP2    . DG C 1 5 ? 11.150  -1.667  0.941   1.00 0.00 ? 405 DG C OP2    1 
ATOM 582 O "O5'"  . DG C 1 5 ? 9.652   -2.798  2.579   1.00 0.00 ? 405 DG C "O5'"  1 
ATOM 583 C "C5'"  . DG C 1 5 ? 9.267   -3.235  3.871   1.00 0.00 ? 405 DG C "C5'"  1 
ATOM 584 C "C4'"  . DG C 1 5 ? 8.511   -4.571  3.793   1.00 0.00 ? 405 DG C "C4'"  1 
ATOM 585 O "O4'"  . DG C 1 5 ? 7.188   -4.406  3.291   1.00 0.00 ? 405 DG C "O4'"  1 
ATOM 586 C "C3'"  . DG C 1 5 ? 9.244   -5.600  2.918   1.00 0.00 ? 405 DG C "C3'"  1 
ATOM 587 O "O3'"  . DG C 1 5 ? 9.282   -6.818  3.626   1.00 0.00 ? 405 DG C "O3'"  1 
ATOM 588 C "C2'"  . DG C 1 5 ? 8.359   -5.600  1.675   1.00 0.00 ? 405 DG C "C2'"  1 
ATOM 589 C "C1'"  . DG C 1 5 ? 6.968   -5.291  2.209   1.00 0.00 ? 405 DG C "C1'"  1 
ATOM 590 N N9     . DG C 1 5 ? 6.173   -4.504  1.218   1.00 0.00 ? 405 DG C N9     1 
ATOM 591 C C8     . DG C 1 5 ? 6.571   -3.427  0.441   1.00 0.00 ? 405 DG C C8     1 
ATOM 592 N N7     . DG C 1 5 ? 5.620   -2.852  -0.239  1.00 0.00 ? 405 DG C N7     1 
ATOM 593 C C5     . DG C 1 5 ? 4.492   -3.587  0.122   1.00 0.00 ? 405 DG C C5     1 
ATOM 594 C C6     . DG C 1 5 ? 3.121   -3.448  -0.264  1.00 0.00 ? 405 DG C C6     1 
ATOM 595 O O6     . DG C 1 5 ? 2.642   -2.653  -1.060  1.00 0.00 ? 405 DG C O6     1 
ATOM 596 N N1     . DG C 1 5 ? 2.266   -4.331  0.361   1.00 0.00 ? 405 DG C N1     1 
ATOM 597 C C2     . DG C 1 5 ? 2.677   -5.246  1.270   1.00 0.00 ? 405 DG C C2     1 
ATOM 598 N N2     . DG C 1 5 ? 1.765   -6.051  1.741   1.00 0.00 ? 405 DG C N2     1 
ATOM 599 N N3     . DG C 1 5 ? 3.943   -5.429  1.638   1.00 0.00 ? 405 DG C N3     1 
ATOM 600 C C4     . DG C 1 5 ? 4.813   -4.569  1.034   1.00 0.00 ? 405 DG C C4     1 
ATOM 601 H "H5'"  . DG C 1 5 ? 8.649   -2.479  4.359   1.00 0.00 ? 405 DG C "H5'"  1 
ATOM 602 H "H5''" . DG C 1 5 ? 10.150  -3.416  4.490   1.00 0.00 ? 405 DG C "H5''" 1 
ATOM 603 H "H4'"  . DG C 1 5 ? 8.422   -4.955  4.807   1.00 0.00 ? 405 DG C "H4'"  1 
ATOM 604 H "H3'"  . DG C 1 5 ? 10.268  -5.305  2.680   1.00 0.00 ? 405 DG C "H3'"  1 
ATOM 605 H "H2'"  . DG C 1 5 ? 8.718   -4.819  1.024   1.00 0.00 ? 405 DG C "H2'"  1 
ATOM 606 H "H2''" . DG C 1 5 ? 8.376   -6.513  1.102   1.00 0.00 ? 405 DG C "H2''" 1 
ATOM 607 H "H1'"  . DG C 1 5 ? 6.546   -6.264  2.556   1.00 0.00 ? 405 DG C "H1'"  1 
ATOM 608 H H8     . DG C 1 5 ? 7.577   -3.033  0.355   1.00 0.00 ? 405 DG C H8     1 
ATOM 609 H H1     . DG C 1 5 ? 1.301   -4.267  0.083   1.00 0.00 ? 405 DG C H1     1 
ATOM 610 H H21    . DG C 1 5 ? 0.796   -6.026  1.428   1.00 0.00 ? 405 DG C H21    1 
ATOM 611 H H22    . DG C 1 5 ? 2.119   -6.784  2.331   1.00 0.00 ? 405 DG C H22    1 
ATOM 612 P P      . DG C 1 6 ? 9.706   -8.197  2.946   1.00 0.00 ? 406 DG C P      1 
ATOM 613 O OP1    . DG C 1 6 ? 10.314  -9.065  3.978   1.00 0.00 ? 406 DG C OP1    1 
ATOM 614 O OP2    . DG C 1 6 ? 10.410  -7.925  1.674   1.00 0.00 ? 406 DG C OP2    1 
ATOM 615 O "O5'"  . DG C 1 6 ? 8.228   -8.725  2.634   1.00 0.00 ? 406 DG C "O5'"  1 
ATOM 616 C "C5'"  . DG C 1 6 ? 7.327   -9.022  3.691   1.00 0.00 ? 406 DG C "C5'"  1 
ATOM 617 C "C4'"  . DG C 1 6 ? 6.006   -9.571  3.139   1.00 0.00 ? 406 DG C "C4'"  1 
ATOM 618 O "O4'"  . DG C 1 6 ? 5.273   -8.581  2.426   1.00 0.00 ? 406 DG C "O4'"  1 
ATOM 619 C "C3'"  . DG C 1 6 ? 6.261   -10.734 2.165   1.00 0.00 ? 406 DG C "C3'"  1 
ATOM 620 O "O3'"  . DG C 1 6 ? 5.408   -11.812 2.513   1.00 0.00 ? 406 DG C "O3'"  1 
ATOM 621 C "C2'"  . DG C 1 6 ? 5.939   -10.101 0.827   1.00 0.00 ? 406 DG C "C2'"  1 
ATOM 622 C "C1'"  . DG C 1 6 ? 4.806   -9.196  1.245   1.00 0.00 ? 406 DG C "C1'"  1 
ATOM 623 N N9     . DG C 1 6 ? 4.554   -8.204  0.199   1.00 0.00 ? 406 DG C N9     1 
ATOM 624 C C8     . DG C 1 6 ? 5.426   -7.364  -0.439  1.00 0.00 ? 406 DG C C8     1 
ATOM 625 N N7     . DG C 1 6 ? 4.850   -6.575  -1.303  1.00 0.00 ? 406 DG C N7     1 
ATOM 626 C C5     . DG C 1 6 ? 3.513   -6.963  -1.272  1.00 0.00 ? 406 DG C C5     1 
ATOM 627 C C6     . DG C 1 6 ? 2.366   -6.523  -2.003  1.00 0.00 ? 406 DG C C6     1 
ATOM 628 O O6     . DG C 1 6 ? 2.319   -5.642  -2.849  1.00 0.00 ? 406 DG C O6     1 
ATOM 629 N N1     . DG C 1 6 ? 1.203   -7.210  -1.702  1.00 0.00 ? 406 DG C N1     1 
ATOM 630 C C2     . DG C 1 6 ? 1.146   -8.175  -0.749  1.00 0.00 ? 406 DG C C2     1 
ATOM 631 N N2     . DG C 1 6 ? 0.067   -8.891  -0.665  1.00 0.00 ? 406 DG C N2     1 
ATOM 632 N N3     . DG C 1 6 ? 2.184   -8.613  -0.056  1.00 0.00 ? 406 DG C N3     1 
ATOM 633 C C4     . DG C 1 6 ? 3.336   -7.968  -0.358  1.00 0.00 ? 406 DG C C4     1 
ATOM 634 H "H5'"  . DG C 1 6 ? 7.128   -8.158  4.327   1.00 0.00 ? 406 DG C "H5'"  1 
ATOM 635 H "H5''" . DG C 1 6 ? 7.766   -9.790  4.322   1.00 0.00 ? 406 DG C "H5''" 1 
ATOM 636 H "H4'"  . DG C 1 6 ? 5.400   -9.906  3.984   1.00 0.00 ? 406 DG C "H4'"  1 
ATOM 637 H "H3'"  . DG C 1 6 ? 7.309   -10.992 2.145   1.00 0.00 ? 406 DG C "H3'"  1 
ATOM 638 H "H2'"  . DG C 1 6 ? 6.808   -9.534  0.493   1.00 0.00 ? 406 DG C "H2'"  1 
ATOM 639 H "H2''" . DG C 1 6 ? 5.649   -10.806 0.062   1.00 0.00 ? 406 DG C "H2''" 1 
ATOM 640 H "H1'"  . DG C 1 6 ? 3.921   -9.807  1.449   1.00 0.00 ? 406 DG C "H1'"  1 
ATOM 641 H H8     . DG C 1 6 ? 6.491   -7.324  -0.243  1.00 0.00 ? 406 DG C H8     1 
ATOM 642 H H1     . DG C 1 6 ? 0.430   -7.049  -2.322  1.00 0.00 ? 406 DG C H1     1 
ATOM 643 H H21    . DG C 1 6 ? -0.723  -8.702  -1.272  1.00 0.00 ? 406 DG C H21    1 
ATOM 644 H H22    . DG C 1 6 ? 0.185   -9.726  -0.111  1.00 0.00 ? 406 DG C H22    1 
ATOM 645 P P      . DC C 1 7 ? 5.180   -13.104 1.584   1.00 0.00 ? 407 DC C P      1 
ATOM 646 O OP1    . DC C 1 7 ? 4.918   -14.263 2.461   1.00 0.00 ? 407 DC C OP1    1 
ATOM 647 O OP2    . DC C 1 7 ? 6.247   -13.167 0.565   1.00 0.00 ? 407 DC C OP2    1 
ATOM 648 O "O5'"  . DC C 1 7 ? 3.788   -12.725 0.853   1.00 0.00 ? 407 DC C "O5'"  1 
ATOM 649 C "C5'"  . DC C 1 7 ? 2.599   -12.533 1.609   1.00 0.00 ? 407 DC C "C5'"  1 
ATOM 650 C "C4'"  . DC C 1 7 ? 1.335   -12.634 0.741   1.00 0.00 ? 407 DC C "C4'"  1 
ATOM 651 O "O4'"  . DC C 1 7 ? 1.146   -11.547 -0.142  1.00 0.00 ? 407 DC C "O4'"  1 
ATOM 652 C "C3'"  . DC C 1 7 ? 1.265   -13.938 -0.063  1.00 0.00 ? 407 DC C "C3'"  1 
ATOM 653 O "O3'"  . DC C 1 7 ? 0.133   -14.705 0.293   1.00 0.00 ? 407 DC C "O3'"  1 
ATOM 654 C "C2'"  . DC C 1 7 ? 1.109   -13.471 -1.498  1.00 0.00 ? 407 DC C "C2'"  1 
ATOM 655 C "C1'"  . DC C 1 7 ? 0.614   -12.038 -1.357  1.00 0.00 ? 407 DC C "C1'"  1 
ATOM 656 N N1     . DC C 1 7 ? 1.170   -11.192 -2.429  1.00 0.00 ? 407 DC C N1     1 
ATOM 657 C C2     . DC C 1 7 ? 0.312   -10.593 -3.347  1.00 0.00 ? 407 DC C C2     1 
ATOM 658 O O2     . DC C 1 7 ? -0.858  -10.945 -3.438  1.00 0.00 ? 407 DC C O2     1 
ATOM 659 N N3     . DC C 1 7 ? 0.777   -9.602  -4.156  1.00 0.00 ? 407 DC C N3     1 
ATOM 660 C C4     . DC C 1 7 ? 2.061   -9.289  -4.106  1.00 0.00 ? 407 DC C C4     1 
ATOM 661 N N4     . DC C 1 7 ? 2.342   -8.160  -4.690  1.00 0.00 ? 407 DC C N4     1 
ATOM 662 C C5     . DC C 1 7 ? 2.998   -9.938  -3.252  1.00 0.00 ? 407 DC C C5     1 
ATOM 663 C C6     . DC C 1 7 ? 2.505   -10.883 -2.416  1.00 0.00 ? 407 DC C C6     1 
ATOM 664 H "H5'"  . DC C 1 7 ? 2.620   -11.566 2.112   1.00 0.00 ? 407 DC C "H5'"  1 
ATOM 665 H "H5''" . DC C 1 7 ? 2.510   -13.309 2.372   1.00 0.00 ? 407 DC C "H5''" 1 
ATOM 666 H "H4'"  . DC C 1 7 ? 0.486   -12.582 1.400   1.00 0.00 ? 407 DC C "H4'"  1 
ATOM 667 H "H3'"  . DC C 1 7 ? 2.172   -14.529 0.045   1.00 0.00 ? 407 DC C "H3'"  1 
ATOM 668 H "HO3'" . DC C 1 7 ? 0.204   -14.937 1.223   1.00 0.00 ? 407 DC C "HO3'" 1 
ATOM 669 H "H2'"  . DC C 1 7 ? 2.080   -13.524 -1.992  1.00 0.00 ? 407 DC C "H2'"  1 
ATOM 670 H "H2''" . DC C 1 7 ? 0.372   -14.060 -2.036  1.00 0.00 ? 407 DC C "H2''" 1 
ATOM 671 H "H1'"  . DC C 1 7 ? -0.474  -12.043 -1.288  1.00 0.00 ? 407 DC C "H1'"  1 
ATOM 672 H H41    . DC C 1 7 ? 1.508   -7.594  -4.762  1.00 0.00 ? 407 DC C H41    1 
ATOM 673 H H42    . DC C 1 7 ? 3.298   -7.790  -4.670  1.00 0.00 ? 407 DC C H42    1 
ATOM 674 H H5     . DC C 1 7 ? 4.042   -9.674  -3.225  1.00 0.00 ? 407 DC C H5     1 
ATOM 675 H H6     . DC C 1 7 ? 3.126   -11.390 -1.677  1.00 0.00 ? 407 DC C H6     1 
ATOM 676 O "O5'"  . DT D 1 1 ? 6.985   11.012  10.753  1.00 0.00 ? 301 DT D "O5'"  1 
ATOM 677 C "C5'"  . DT D 1 1 ? 7.581   10.004  9.966   1.00 0.00 ? 301 DT D "C5'"  1 
ATOM 678 C "C4'"  . DT D 1 1 ? 6.732   8.730   10.049  1.00 0.00 ? 301 DT D "C4'"  1 
ATOM 679 O "O4'"  . DT D 1 1 ? 5.422   8.951   9.542   1.00 0.00 ? 301 DT D "O4'"  1 
ATOM 680 C "C3'"  . DT D 1 1 ? 7.317   7.579   9.222   1.00 0.00 ? 301 DT D "C3'"  1 
ATOM 681 O "O3'"  . DT D 1 1 ? 8.066   6.734   10.066  1.00 0.00 ? 301 DT D "O3'"  1 
ATOM 682 C "C2'"  . DT D 1 1 ? 6.051   6.895   8.667   1.00 0.00 ? 301 DT D "C2'"  1 
ATOM 683 C "C1'"  . DT D 1 1 ? 4.871   7.680   9.250   1.00 0.00 ? 301 DT D "C1'"  1 
ATOM 684 N N1     . DT D 1 1 ? 3.769   7.780   8.260   1.00 0.00 ? 301 DT D N1     1 
ATOM 685 C C2     . DT D 1 1 ? 2.623   7.009   8.449   1.00 0.00 ? 301 DT D C2     1 
ATOM 686 O O2     . DT D 1 1 ? 2.448   6.287   9.416   1.00 0.00 ? 301 DT D O2     1 
ATOM 687 N N3     . DT D 1 1 ? 1.641   7.096   7.489   1.00 0.00 ? 301 DT D N3     1 
ATOM 688 C C4     . DT D 1 1 ? 1.687   7.895   6.368   1.00 0.00 ? 301 DT D C4     1 
ATOM 689 O O4     . DT D 1 1 ? 0.705   7.945   5.633   1.00 0.00 ? 301 DT D O4     1 
ATOM 690 C C5     . DT D 1 1 ? 2.948   8.625   6.191   1.00 0.00 ? 301 DT D C5     1 
ATOM 691 C C7     . DT D 1 1 ? 3.216   9.465   4.952   1.00 0.00 ? 301 DT D C7     1 
ATOM 692 C C6     . DT D 1 1 ? 3.925   8.545   7.130   1.00 0.00 ? 301 DT D C6     1 
ATOM 693 H "H5'"  . DT D 1 1 ? 8.589   9.809   10.335  1.00 0.00 ? 301 DT D "H5'"  1 
ATOM 694 H "H5''" . DT D 1 1 ? 7.638   10.351  8.933   1.00 0.00 ? 301 DT D "H5''" 1 
ATOM 695 H "H4'"  . DT D 1 1 ? 6.667   8.414   11.093  1.00 0.00 ? 301 DT D "H4'"  1 
ATOM 696 H "H3'"  . DT D 1 1 ? 7.966   8.004   8.441   1.00 0.00 ? 301 DT D "H3'"  1 
ATOM 697 H "H2'"  . DT D 1 1 ? 6.068   6.914   7.568   1.00 0.00 ? 301 DT D "H2'"  1 
ATOM 698 H "H2''" . DT D 1 1 ? 5.935   5.869   9.006   1.00 0.00 ? 301 DT D "H2''" 1 
ATOM 699 H "H1'"  . DT D 1 1 ? 4.528   7.251   10.198  1.00 0.00 ? 301 DT D "H1'"  1 
ATOM 700 H H3     . DT D 1 1 ? 0.809   6.538   7.634   1.00 0.00 ? 301 DT D H3     1 
ATOM 701 H H71    . DT D 1 1 ? 4.255   9.379   4.628   1.00 0.00 ? 301 DT D H71    1 
ATOM 702 H H72    . DT D 1 1 ? 2.595   9.105   4.140   1.00 0.00 ? 301 DT D H72    1 
ATOM 703 H H73    . DT D 1 1 ? 2.968   10.509  5.138   1.00 0.00 ? 301 DT D H73    1 
ATOM 704 H H6     . DT D 1 1 ? 4.859   9.075   7.002   1.00 0.00 ? 301 DT D H6     1 
ATOM 705 H "HO5'" . DT D 1 1 ? 6.044   11.009  10.551  1.00 0.00 ? 301 DT D "HO5'" 1 
ATOM 706 P P      . DG D 1 2 ? 8.808   5.426   9.504   1.00 0.00 ? 302 DG D P      1 
ATOM 707 O OP1    . DG D 1 2 ? 9.942   5.132   10.404  1.00 0.00 ? 302 DG D OP1    1 
ATOM 708 O OP2    . DG D 1 2 ? 9.035   5.621   8.057   1.00 0.00 ? 302 DG D OP2    1 
ATOM 709 O "O5'"  . DG D 1 2 ? 7.694   4.283   9.703   1.00 0.00 ? 302 DG D "O5'"  1 
ATOM 710 C "C5'"  . DG D 1 2 ? 7.140   4.016   10.981  1.00 0.00 ? 302 DG D "C5'"  1 
ATOM 711 C "C4'"  . DG D 1 2 ? 6.068   2.918   10.914  1.00 0.00 ? 302 DG D "C4'"  1 
ATOM 712 O "O4'"  . DG D 1 2 ? 4.981   3.297   10.070  1.00 0.00 ? 302 DG D "O4'"  1 
ATOM 713 C "C3'"  . DG D 1 2 ? 6.619   1.578   10.396  1.00 0.00 ? 302 DG D "C3'"  1 
ATOM 714 O "O3'"  . DG D 1 2 ? 6.070   0.543   11.187  1.00 0.00 ? 302 DG D "O3'"  1 
ATOM 715 C "C2'"  . DG D 1 2 ? 6.059   1.568   8.982   1.00 0.00 ? 302 DG D "C2'"  1 
ATOM 716 C "C1'"  . DG D 1 2 ? 4.699   2.205   9.218   1.00 0.00 ? 302 DG D "C1'"  1 
ATOM 717 N N9     . DG D 1 2 ? 4.065   2.695   7.981   1.00 0.00 ? 302 DG D N9     1 
ATOM 718 C C8     . DG D 1 2 ? 4.584   3.528   7.027   1.00 0.00 ? 302 DG D C8     1 
ATOM 719 N N7     . DG D 1 2 ? 3.705   4.020   6.195   1.00 0.00 ? 302 DG D N7     1 
ATOM 720 C C5     . DG D 1 2 ? 2.515   3.400   6.597   1.00 0.00 ? 302 DG D C5     1 
ATOM 721 C C6     . DG D 1 2 ? 1.176   3.483   6.097   1.00 0.00 ? 302 DG D C6     1 
ATOM 722 O O6     . DG D 1 2 ? 0.750   4.184   5.193   1.00 0.00 ? 302 DG D O6     1 
ATOM 723 N N1     . DG D 1 2 ? 0.275   2.662   6.743   1.00 0.00 ? 302 DG D N1     1 
ATOM 724 C C2     . DG D 1 2 ? 0.608   1.856   7.774   1.00 0.00 ? 302 DG D C2     1 
ATOM 725 N N2     . DG D 1 2 ? -0.333  1.096   8.260   1.00 0.00 ? 302 DG D N2     1 
ATOM 726 N N3     . DG D 1 2 ? 1.833   1.753   8.280   1.00 0.00 ? 302 DG D N3     1 
ATOM 727 C C4     . DG D 1 2 ? 2.743   2.551   7.653   1.00 0.00 ? 302 DG D C4     1 
ATOM 728 H "H5'"  . DG D 1 2 ? 6.675   4.918   11.386  1.00 0.00 ? 302 DG D "H5'"  1 
ATOM 729 H "H5''" . DG D 1 2 ? 7.927   3.695   11.667  1.00 0.00 ? 302 DG D "H5''" 1 
ATOM 730 H "H4'"  . DG D 1 2 ? 5.678   2.776   11.922  1.00 0.00 ? 302 DG D "H4'"  1 
ATOM 731 H "H3'"  . DG D 1 2 ? 7.709   1.543   10.396  1.00 0.00 ? 302 DG D "H3'"  1 
ATOM 732 H "H2'"  . DG D 1 2 ? 6.719   2.175   8.369   1.00 0.00 ? 302 DG D "H2'"  1 
ATOM 733 H "H2''" . DG D 1 2 ? 5.979   0.586   8.541   1.00 0.00 ? 302 DG D "H2''" 1 
ATOM 734 H "H1'"  . DG D 1 2 ? 4.052   1.496   9.738   1.00 0.00 ? 302 DG D "H1'"  1 
ATOM 735 H H8     . DG D 1 2 ? 5.633   3.765   6.984   1.00 0.00 ? 302 DG D H8     1 
ATOM 736 H H1     . DG D 1 2 ? -0.670  2.717   6.408   1.00 0.00 ? 302 DG D H1     1 
ATOM 737 H H21    . DG D 1 2 ? -1.276  1.081   7.874   1.00 0.00 ? 302 DG D H21    1 
ATOM 738 H H22    . DG D 1 2 ? -0.032  0.463   8.978   1.00 0.00 ? 302 DG D H22    1 
ATOM 739 P P      . DG D 1 3 ? 6.460   -0.992  10.962  1.00 0.00 ? 303 DG D P      1 
ATOM 740 O OP1    . DG D 1 3 ? 6.649   -1.611  12.291  1.00 0.00 ? 303 DG D OP1    1 
ATOM 741 O OP2    . DG D 1 3 ? 7.534   -1.059  9.950   1.00 0.00 ? 303 DG D OP2    1 
ATOM 742 O "O5'"  . DG D 1 3 ? 5.109   -1.570  10.313  1.00 0.00 ? 303 DG D "O5'"  1 
ATOM 743 C "C5'"  . DG D 1 3 ? 3.960   -1.820  11.108  1.00 0.00 ? 303 DG D "C5'"  1 
ATOM 744 C "C4'"  . DG D 1 3 ? 2.876   -2.541  10.293  1.00 0.00 ? 303 DG D "C4'"  1 
ATOM 745 O "O4'"  . DG D 1 3 ? 2.257   -1.685  9.342   1.00 0.00 ? 303 DG D "O4'"  1 
ATOM 746 C "C3'"  . DG D 1 3 ? 3.422   -3.779  9.555   1.00 0.00 ? 303 DG D "C3'"  1 
ATOM 747 O "O3'"  . DG D 1 3 ? 2.753   -4.913  10.063  1.00 0.00 ? 303 DG D "O3'"  1 
ATOM 748 C "C2'"  . DG D 1 3 ? 3.112   -3.436  8.103   1.00 0.00 ? 303 DG D "C2'"  1 
ATOM 749 C "C1'"  . DG D 1 3 ? 1.960   -2.449  8.192   1.00 0.00 ? 303 DG D "C1'"  1 
ATOM 750 N N9     . DG D 1 3 ? 1.968   -1.522  7.046   1.00 0.00 ? 303 DG D N9     1 
ATOM 751 C C8     . DG D 1 3 ? 3.002   -0.735  6.612   1.00 0.00 ? 303 DG D C8     1 
ATOM 752 N N7     . DG D 1 3 ? 2.704   0.049   5.609   1.00 0.00 ? 303 DG D N7     1 
ATOM 753 C C5     . DG D 1 3 ? 1.351   -0.228  5.385   1.00 0.00 ? 303 DG D C5     1 
ATOM 754 C C6     . DG D 1 3 ? 0.403   0.320   4.460   1.00 0.00 ? 303 DG D C6     1 
ATOM 755 O O6     . DG D 1 3 ? 0.590   1.160   3.596   1.00 0.00 ? 303 DG D O6     1 
ATOM 756 N N1     . DG D 1 3 ? -0.871  -0.189  4.584   1.00 0.00 ? 303 DG D N1     1 
ATOM 757 C C2     . DG D 1 3 ? -1.218  -1.115  5.504   1.00 0.00 ? 303 DG D C2     1 
ATOM 758 N N2     . DG D 1 3 ? -2.426  -1.599  5.429   1.00 0.00 ? 303 DG D N2     1 
ATOM 759 N N3     . DG D 1 3 ? -0.371  -1.667  6.366   1.00 0.00 ? 303 DG D N3     1 
ATOM 760 C C4     . DG D 1 3 ? 0.895   -1.176  6.271   1.00 0.00 ? 303 DG D C4     1 
ATOM 761 H "H5'"  . DG D 1 3 ? 3.558   -0.885  11.504  1.00 0.00 ? 303 DG D "H5'"  1 
ATOM 762 H "H5''" . DG D 1 3 ? 4.223   -2.472  11.944  1.00 0.00 ? 303 DG D "H5''" 1 
ATOM 763 H "H4'"  . DG D 1 3 ? 2.084   -2.853  10.973  1.00 0.00 ? 303 DG D "H4'"  1 
ATOM 764 H "H3'"  . DG D 1 3 ? 4.502   -3.891  9.666   1.00 0.00 ? 303 DG D "H3'"  1 
ATOM 765 H "H2'"  . DG D 1 3 ? 4.017   -2.996  7.700   1.00 0.00 ? 303 DG D "H2'"  1 
ATOM 766 H "H2''" . DG D 1 3 ? 2.853   -4.265  7.468   1.00 0.00 ? 303 DG D "H2''" 1 
ATOM 767 H "H1'"  . DG D 1 3 ? 1.019   -3.009  8.290   1.00 0.00 ? 303 DG D "H1'"  1 
ATOM 768 H H8     . DG D 1 3 ? 3.980   -0.772  7.071   1.00 0.00 ? 303 DG D H8     1 
ATOM 769 H H1     . DG D 1 3 ? -1.536  0.156   3.914   1.00 0.00 ? 303 DG D H1     1 
ATOM 770 H H21    . DG D 1 3 ? -3.113  -1.242  4.768   1.00 0.00 ? 303 DG D H21    1 
ATOM 771 H H22    . DG D 1 3 ? -2.619  -2.347  6.070   1.00 0.00 ? 303 DG D H22    1 
ATOM 772 P P      . DT D 1 4 ? 2.867   -6.360  9.395   1.00 0.00 ? 304 DT D P      1 
ATOM 773 O OP1    . DT D 1 4 ? 2.486   -7.366  10.407  1.00 0.00 ? 304 DT D OP1    1 
ATOM 774 O OP2    . DT D 1 4 ? 4.157   -6.456  8.683   1.00 0.00 ? 304 DT D OP2    1 
ATOM 775 O "O5'"  . DT D 1 4 ? 1.683   -6.243  8.321   1.00 0.00 ? 304 DT D "O5'"  1 
ATOM 776 C "C5'"  . DT D 1 4 ? 0.372   -5.902  8.731   1.00 0.00 ? 304 DT D "C5'"  1 
ATOM 777 C "C4'"  . DT D 1 4 ? -0.559  -5.802  7.521   1.00 0.00 ? 304 DT D "C4'"  1 
ATOM 778 O "O4'"  . DT D 1 4 ? -0.239  -4.768  6.599   1.00 0.00 ? 304 DT D "O4'"  1 
ATOM 779 C "C3'"  . DT D 1 4 ? -0.646  -7.118  6.743   1.00 0.00 ? 304 DT D "C3'"  1 
ATOM 780 O "O3'"  . DT D 1 4 ? -1.972  -7.601  6.749   1.00 0.00 ? 304 DT D "O3'"  1 
ATOM 781 C "C2'"  . DT D 1 4 ? -0.235  -6.650  5.347   1.00 0.00 ? 304 DT D "C2'"  1 
ATOM 782 C "C1'"  . DT D 1 4 ? -0.679  -5.189  5.320   1.00 0.00 ? 304 DT D "C1'"  1 
ATOM 783 N N1     . DT D 1 4 ? -0.046  -4.340  4.257   1.00 0.00 ? 304 DT D N1     1 
ATOM 784 C C2     . DT D 1 4 ? -0.850  -3.652  3.339   1.00 0.00 ? 304 DT D C2     1 
ATOM 785 O O2     . DT D 1 4 ? -2.057  -3.812  3.264   1.00 0.00 ? 304 DT D O2     1 
ATOM 786 N N3     . DT D 1 4 ? -0.241  -2.732  2.495   1.00 0.00 ? 304 DT D N3     1 
ATOM 787 C C4     . DT D 1 4 ? 1.104   -2.391  2.535   1.00 0.00 ? 304 DT D C4     1 
ATOM 788 O O4     . DT D 1 4 ? 1.548   -1.503  1.798   1.00 0.00 ? 304 DT D O4     1 
ATOM 789 C C5     . DT D 1 4 ? 1.895   -3.172  3.499   1.00 0.00 ? 304 DT D C5     1 
ATOM 790 C C7     . DT D 1 4 ? 3.402   -2.986  3.617   1.00 0.00 ? 304 DT D C7     1 
ATOM 791 C C6     . DT D 1 4 ? 1.304   -4.103  4.296   1.00 0.00 ? 304 DT D C6     1 
ATOM 792 H "H5'"  . DT D 1 4 ? 0.352   -4.949  9.260   1.00 0.00 ? 304 DT D "H5'"  1 
ATOM 793 H "H5''" . DT D 1 4 ? -0.016  -6.672  9.403   1.00 0.00 ? 304 DT D "H5''" 1 
ATOM 794 H "H4'"  . DT D 1 4 ? -1.528  -5.519  7.889   1.00 0.00 ? 304 DT D "H4'"  1 
ATOM 795 H "H3'"  . DT D 1 4 ? 0.046   -7.854  7.151   1.00 0.00 ? 304 DT D "H3'"  1 
ATOM 796 H "H2'"  . DT D 1 4 ? 0.845   -6.733  5.265   1.00 0.00 ? 304 DT D "H2'"  1 
ATOM 797 H "H2''" . DT D 1 4 ? -0.721  -7.231  4.580   1.00 0.00 ? 304 DT D "H2''" 1 
ATOM 798 H "H1'"  . DT D 1 4 ? -1.769  -5.176  5.266   1.00 0.00 ? 304 DT D "H1'"  1 
ATOM 799 H H3     . DT D 1 4 ? -0.837  -2.262  1.819   1.00 0.00 ? 304 DT D H3     1 
ATOM 800 H H71    . DT D 1 4 ? 3.630   -2.184  4.316   1.00 0.00 ? 304 DT D H71    1 
ATOM 801 H H72    . DT D 1 4 ? 3.901   -3.901  3.943   1.00 0.00 ? 304 DT D H72    1 
ATOM 802 H H73    . DT D 1 4 ? 3.804   -2.712  2.648   1.00 0.00 ? 304 DT D H73    1 
ATOM 803 H H6     . DT D 1 4 ? 1.886   -4.683  4.999   1.00 0.00 ? 304 DT D H6     1 
ATOM 804 P P      . DG D 1 5 ? -2.325  -9.054  6.164   1.00 0.00 ? 305 DG D P      1 
ATOM 805 O OP1    . DG D 1 5 ? -3.241  -9.716  7.115   1.00 0.00 ? 305 DG D OP1    1 
ATOM 806 O OP2    . DG D 1 5 ? -1.069  -9.717  5.757   1.00 0.00 ? 305 DG D OP2    1 
ATOM 807 O "O5'"  . DG D 1 5 ? -3.145  -8.697  4.832   1.00 0.00 ? 305 DG D "O5'"  1 
ATOM 808 C "C5'"  . DG D 1 5 ? -4.477  -8.220  4.892   1.00 0.00 ? 305 DG D "C5'"  1 
ATOM 809 C "C4'"  . DG D 1 5 ? -5.136  -8.304  3.509   1.00 0.00 ? 305 DG D "C4'"  1 
ATOM 810 O "O4'"  . DG D 1 5 ? -4.624  -7.326  2.606   1.00 0.00 ? 305 DG D "O4'"  1 
ATOM 811 C "C3'"  . DG D 1 5 ? -4.964  -9.697  2.885   1.00 0.00 ? 305 DG D "C3'"  1 
ATOM 812 O "O3'"  . DG D 1 5 ? -6.231  -10.106 2.428   1.00 0.00 ? 305 DG D "O3'"  1 
ATOM 813 C "C2'"  . DG D 1 5 ? -3.924  -9.393  1.804   1.00 0.00 ? 305 DG D "C2'"  1 
ATOM 814 C "C1'"  . DG D 1 5 ? -4.214  -7.951  1.404   1.00 0.00 ? 305 DG D "C1'"  1 
ATOM 815 N N9     . DG D 1 5 ? -2.989  -7.222  0.969   1.00 0.00 ? 305 DG D N9     1 
ATOM 816 C C8     . DG D 1 5 ? -1.762  -7.185  1.591   1.00 0.00 ? 305 DG D C8     1 
ATOM 817 N N7     . DG D 1 5 ? -0.906  -6.333  1.097   1.00 0.00 ? 305 DG D N7     1 
ATOM 818 C C5     . DG D 1 5 ? -1.630  -5.735  0.069   1.00 0.00 ? 305 DG D C5     1 
ATOM 819 C C6     . DG D 1 5 ? -1.282  -4.673  -0.826  1.00 0.00 ? 305 DG D C6     1 
ATOM 820 O O6     . DG D 1 5 ? -0.211  -4.091  -0.921  1.00 0.00 ? 305 DG D O6     1 
ATOM 821 N N1     . DG D 1 5 ? -2.304  -4.275  -1.658  1.00 0.00 ? 305 DG D N1     1 
ATOM 822 C C2     . DG D 1 5 ? -3.542  -4.821  -1.626  1.00 0.00 ? 305 DG D C2     1 
ATOM 823 N N2     . DG D 1 5 ? -4.412  -4.341  -2.470  1.00 0.00 ? 305 DG D N2     1 
ATOM 824 N N3     . DG D 1 5 ? -3.902  -5.827  -0.833  1.00 0.00 ? 305 DG D N3     1 
ATOM 825 C C4     . DG D 1 5 ? -2.909  -6.245  0.003   1.00 0.00 ? 305 DG D C4     1 
ATOM 826 H "H5'"  . DG D 1 5 ? -4.504  -7.192  5.257   1.00 0.00 ? 305 DG D "H5'"  1 
ATOM 827 H "H5''" . DG D 1 5 ? -5.072  -8.843  5.564   1.00 0.00 ? 305 DG D "H5''" 1 
ATOM 828 H "H4'"  . DG D 1 5 ? -6.195  -8.093  3.642   1.00 0.00 ? 305 DG D "H4'"  1 
ATOM 829 H "H3'"  . DG D 1 5 ? -4.611  -10.454 3.588   1.00 0.00 ? 305 DG D "H3'"  1 
ATOM 830 H "H2'"  . DG D 1 5 ? -2.943  -9.488  2.247   1.00 0.00 ? 305 DG D "H2'"  1 
ATOM 831 H "H2''" . DG D 1 5 ? -3.957  -10.065 0.964   1.00 0.00 ? 305 DG D "H2''" 1 
ATOM 832 H "H1'"  . DG D 1 5 ? -5.026  -7.997  0.660   1.00 0.00 ? 305 DG D "H1'"  1 
ATOM 833 H H8     . DG D 1 5 ? -1.498  -7.787  2.441   1.00 0.00 ? 305 DG D H8     1 
ATOM 834 H H1     . DG D 1 5 ? -2.084  -3.515  -2.279  1.00 0.00 ? 305 DG D H1     1 
ATOM 835 H H21    . DG D 1 5 ? -4.176  -3.613  -3.143  1.00 0.00 ? 305 DG D H21    1 
ATOM 836 H H22    . DG D 1 5 ? -5.287  -4.831  -2.494  1.00 0.00 ? 305 DG D H22    1 
ATOM 837 P P      . DG D 1 6 ? -6.441  -11.349 1.455   1.00 0.00 ? 306 DG D P      1 
ATOM 838 O OP1    . DG D 1 6 ? -7.778  -11.925 1.705   1.00 0.00 ? 306 DG D OP1    1 
ATOM 839 O OP2    . DG D 1 6 ? -5.232  -12.200 1.468   1.00 0.00 ? 306 DG D OP2    1 
ATOM 840 O "O5'"  . DG D 1 6 ? -6.488  -10.499 0.100   1.00 0.00 ? 306 DG D "O5'"  1 
ATOM 841 C "C5'"  . DG D 1 6 ? -7.513  -9.537  -0.115  1.00 0.00 ? 306 DG D "C5'"  1 
ATOM 842 C "C4'"  . DG D 1 6 ? -7.374  -8.912  -1.508  1.00 0.00 ? 306 DG D "C4'"  1 
ATOM 843 O "O4'"  . DG D 1 6 ? -6.188  -8.135  -1.635  1.00 0.00 ? 306 DG D "O4'"  1 
ATOM 844 C "C3'"  . DG D 1 6 ? -7.313  -10.018 -2.575  1.00 0.00 ? 306 DG D "C3'"  1 
ATOM 845 O "O3'"  . DG D 1 6 ? -8.245  -9.709  -3.595  1.00 0.00 ? 306 DG D "O3'"  1 
ATOM 846 C "C2'"  . DG D 1 6 ? -5.864  -9.957  -3.013  1.00 0.00 ? 306 DG D "C2'"  1 
ATOM 847 C "C1'"  . DG D 1 6 ? -5.603  -8.474  -2.873  1.00 0.00 ? 306 DG D "C1'"  1 
ATOM 848 N N9     . DG D 1 6 ? -4.160  -8.214  -2.858  1.00 0.00 ? 306 DG D N9     1 
ATOM 849 C C8     . DG D 1 6 ? -3.175  -8.778  -2.090  1.00 0.00 ? 306 DG D C8     1 
ATOM 850 N N7     . DG D 1 6 ? -1.981  -8.319  -2.343  1.00 0.00 ? 306 DG D N7     1 
ATOM 851 C C5     . DG D 1 6 ? -2.188  -7.411  -3.385  1.00 0.00 ? 306 DG D C5     1 
ATOM 852 C C6     . DG D 1 6 ? -1.290  -6.622  -4.177  1.00 0.00 ? 306 DG D C6     1 
ATOM 853 O O6     . DG D 1 6 ? -0.066  -6.617  -4.153  1.00 0.00 ? 306 DG D O6     1 
ATOM 854 N N1     . DG D 1 6 ? -1.920  -5.790  -5.081  1.00 0.00 ? 306 DG D N1     1 
ATOM 855 C C2     . DG D 1 6 ? -3.263  -5.764  -5.251  1.00 0.00 ? 306 DG D C2     1 
ATOM 856 N N2     . DG D 1 6 ? -3.742  -5.069  -6.239  1.00 0.00 ? 306 DG D N2     1 
ATOM 857 N N3     . DG D 1 6 ? -4.117  -6.540  -4.608  1.00 0.00 ? 306 DG D N3     1 
ATOM 858 C C4     . DG D 1 6 ? -3.525  -7.331  -3.679  1.00 0.00 ? 306 DG D C4     1 
ATOM 859 H "H5'"  . DG D 1 6 ? -7.525  -8.752  0.642   1.00 0.00 ? 306 DG D "H5'"  1 
ATOM 860 H "H5''" . DG D 1 6 ? -8.480  -10.032 -0.071  1.00 0.00 ? 306 DG D "H5''" 1 
ATOM 861 H "H4'"  . DG D 1 6 ? -8.233  -8.260  -1.675  1.00 0.00 ? 306 DG D "H4'"  1 
ATOM 862 H "H3'"  . DG D 1 6 ? -7.468  -10.988 -2.126  1.00 0.00 ? 306 DG D "H3'"  1 
ATOM 863 H "H2'"  . DG D 1 6 ? -5.266  -10.536 -2.309  1.00 0.00 ? 306 DG D "H2'"  1 
ATOM 864 H "H2''" . DG D 1 6 ? -5.699  -10.325 -4.014  1.00 0.00 ? 306 DG D "H2''" 1 
ATOM 865 H "H1'"  . DG D 1 6 ? -6.110  -7.952  -3.692  1.00 0.00 ? 306 DG D "H1'"  1 
ATOM 866 H H8     . DG D 1 6 ? -3.358  -9.531  -1.332  1.00 0.00 ? 306 DG D H8     1 
ATOM 867 H H1     . DG D 1 6 ? -1.316  -5.209  -5.639  1.00 0.00 ? 306 DG D H1     1 
ATOM 868 H H21    . DG D 1 6 ? -3.143  -4.488  -6.819  1.00 0.00 ? 306 DG D H21    1 
ATOM 869 H H22    . DG D 1 6 ? -4.729  -5.182  -6.378  1.00 0.00 ? 306 DG D H22    1 
ATOM 870 P P      . DC D 1 7 ? -8.369  -10.539 -4.963  1.00 0.00 ? 307 DC D P      1 
ATOM 871 O OP1    . DC D 1 7 ? -9.795  -10.579 -5.352  1.00 0.00 ? 307 DC D OP1    1 
ATOM 872 O OP2    . DC D 1 7 ? -7.591  -11.790 -4.849  1.00 0.00 ? 307 DC D OP2    1 
ATOM 873 O "O5'"  . DC D 1 7 ? -7.605  -9.548  -5.978  1.00 0.00 ? 307 DC D "O5'"  1 
ATOM 874 C "C5'"  . DC D 1 7 ? -8.100  -8.240  -6.228  1.00 0.00 ? 307 DC D "C5'"  1 
ATOM 875 C "C4'"  . DC D 1 7 ? -7.311  -7.559  -7.355  1.00 0.00 ? 307 DC D "C4'"  1 
ATOM 876 O "O4'"  . DC D 1 7 ? -5.970  -7.295  -7.007  1.00 0.00 ? 307 DC D "O4'"  1 
ATOM 877 C "C3'"  . DC D 1 7 ? -7.334  -8.337  -8.672  1.00 0.00 ? 307 DC D "C3'"  1 
ATOM 878 O "O3'"  . DC D 1 7 ? -8.029  -7.644  -9.688  1.00 0.00 ? 307 DC D "O3'"  1 
ATOM 879 C "C2'"  . DC D 1 7 ? -5.867  -8.442  -9.042  1.00 0.00 ? 307 DC D "C2'"  1 
ATOM 880 C "C1'"  . DC D 1 7 ? -5.193  -7.390  -8.177  1.00 0.00 ? 307 DC D "C1'"  1 
ATOM 881 N N1     . DC D 1 7 ? -3.832  -7.814  -7.808  1.00 0.00 ? 307 DC D N1     1 
ATOM 882 C C2     . DC D 1 7 ? -2.725  -7.194  -8.375  1.00 0.00 ? 307 DC D C2     1 
ATOM 883 O O2     . DC D 1 7 ? -2.854  -6.344  -9.249  1.00 0.00 ? 307 DC D O2     1 
ATOM 884 N N3     . DC D 1 7 ? -1.476  -7.530  -7.951  1.00 0.00 ? 307 DC D N3     1 
ATOM 885 C C4     . DC D 1 7 ? -1.349  -8.463  -7.018  1.00 0.00 ? 307 DC D C4     1 
ATOM 886 N N4     . DC D 1 7 ? -0.132  -8.642  -6.587  1.00 0.00 ? 307 DC D N4     1 
ATOM 887 C C5     . DC D 1 7 ? -2.450  -9.146  -6.431  1.00 0.00 ? 307 DC D C5     1 
ATOM 888 C C6     . DC D 1 7 ? -3.682  -8.791  -6.867  1.00 0.00 ? 307 DC D C6     1 
ATOM 889 H "H5'"  . DC D 1 7 ? -8.028  -7.629  -5.325  1.00 0.00 ? 307 DC D "H5'"  1 
ATOM 890 H "H5''" . DC D 1 7 ? -9.147  -8.285  -6.534  1.00 0.00 ? 307 DC D "H5''" 1 
ATOM 891 H "H4'"  . DC D 1 7 ? -7.719  -6.585  -7.554  1.00 0.00 ? 307 DC D "H4'"  1 
ATOM 892 H "H3'"  . DC D 1 7 ? -7.761  -9.324  -8.547  1.00 0.00 ? 307 DC D "H3'"  1 
ATOM 893 H "HO3'" . DC D 1 7 ? -7.631  -6.776  -9.796  1.00 0.00 ? 307 DC D "HO3'" 1 
ATOM 894 H "H2'"  . DC D 1 7 ? -5.508  -9.444  -8.797  1.00 0.00 ? 307 DC D "H2'"  1 
ATOM 895 H "H2''" . DC D 1 7 ? -5.712  -8.201  -10.086 1.00 0.00 ? 307 DC D "H2''" 1 
ATOM 896 H "H1'"  . DC D 1 7 ? -5.251  -6.441  -8.685  1.00 0.00 ? 307 DC D "H1'"  1 
ATOM 897 H H41    . DC D 1 7 ? 0.550   -8.097  -7.075  1.00 0.00 ? 307 DC D H41    1 
ATOM 898 H H42    . DC D 1 7 ? 0.058   -9.129  -5.706  1.00 0.00 ? 307 DC D H42    1 
ATOM 899 H H5     . DC D 1 7 ? -2.324  -9.919  -5.690  1.00 0.00 ? 307 DC D H5     1 
ATOM 900 H H6     . DC D 1 7 ? -4.602  -9.226  -6.493  1.00 0.00 ? 307 DC D H6     1 
# 
